data_5O48
#
_entry.id   5O48
#
_cell.length_a   57.565
_cell.length_b   121.983
_cell.length_c   178.247
_cell.angle_alpha   90.00
_cell.angle_beta   90.00
_cell.angle_gamma   90.00
#
_symmetry.space_group_name_H-M   'P 21 21 21'
#
loop_
_entity.id
_entity.type
_entity.pdbx_description
1 polymer 'Glycylpeptide N-tetradecanoyltransferase'
2 non-polymer 2-oxopentadecyl-CoA
3 non-polymer 1-[5-(4-fluoranyl-2-methyl-phenyl)-1~{H}-indazol-3-yl]-~{N},~{N}-dimethyl-methanamine
4 non-polymer 'DIMETHYL SULFOXIDE'
5 non-polymer 'MAGNESIUM ION'
6 non-polymer 'CHLORIDE ION'
7 non-polymer 'SULFATE ION'
8 water water
#
_entity_poly.entity_id   1
_entity_poly.type   'polypeptide(L)'
_entity_poly.pdbx_seq_one_letter_code
;IDYKFWYTQPVPKINDEFNESVNEPFISDNKVEDVRKDEYKLPPGYSWYVCDVKDEKDRSEIYTLLTDNYVEDDDNIFRF
NYSAEFLLWALTSPNYLKTWHIGVKYDASNKLIGFISAIPTDICIHKRTIKMAEVNFLCVHKTLRSKRLAPVLIKEITRR
INLENIWQAIYTAGVYLPKPVSDARYYHRSINVKKLIEIGFSSLNSRLTMSRAIKLYRVEDTLNIKNMRLMKKKDVEGVH
KLLGSYLEQFNLYAVFTKEEIAHWFLPIENVIYTYVNEENGKIKDMISFYSLPSQILGNDKYSTLNAAYSFYNVTTTATF
KQLMQDAILLAKRNNFDVFNALEVMQNKSVFEDLKFGEGDGSLKYYLYNWKCASFAPAHVGIVLL
;
_entity_poly.pdbx_strand_id   A,B,C
#
# COMPACT_ATOMS: atom_id res chain seq x y z
N ILE A 1 28.49 -29.29 3.69
CA ILE A 1 28.50 -30.79 3.60
C ILE A 1 28.05 -31.25 2.19
N ASP A 2 27.77 -32.56 2.03
CA ASP A 2 27.59 -33.14 0.70
C ASP A 2 26.13 -33.05 0.23
N TYR A 3 25.16 -33.04 1.16
CA TYR A 3 23.72 -33.28 0.83
C TYR A 3 23.48 -34.31 -0.28
N LYS A 4 23.89 -35.53 -0.05
CA LYS A 4 23.81 -36.60 -1.08
C LYS A 4 22.39 -36.98 -1.44
N PHE A 5 21.47 -36.88 -0.45
CA PHE A 5 20.05 -37.10 -0.80
C PHE A 5 19.53 -35.83 -1.43
N TRP A 6 19.68 -34.66 -0.76
CA TRP A 6 19.01 -33.45 -1.27
C TRP A 6 19.41 -33.08 -2.71
N TYR A 7 20.68 -33.32 -3.05
CA TYR A 7 21.09 -33.01 -4.40
CA TYR A 7 21.26 -33.20 -4.42
C TYR A 7 20.46 -33.96 -5.49
N THR A 8 19.90 -35.13 -5.12
CA THR A 8 19.05 -35.90 -6.13
C THR A 8 17.67 -35.29 -6.35
N GLN A 9 17.30 -34.29 -5.54
CA GLN A 9 15.92 -33.74 -5.53
C GLN A 9 15.81 -32.43 -6.33
N PRO A 10 14.57 -32.10 -6.84
CA PRO A 10 14.36 -30.77 -7.54
C PRO A 10 14.28 -29.60 -6.51
N VAL A 11 15.45 -29.25 -5.93
CA VAL A 11 15.60 -28.05 -5.05
C VAL A 11 16.92 -27.40 -5.48
N PRO A 12 17.14 -26.17 -5.03
CA PRO A 12 18.29 -25.41 -5.51
C PRO A 12 19.58 -26.04 -4.95
N LYS A 13 20.63 -26.02 -5.74
CA LYS A 13 21.97 -26.35 -5.20
C LYS A 13 22.45 -25.19 -4.31
N ILE A 14 23.40 -25.49 -3.38
CA ILE A 14 23.80 -24.47 -2.41
C ILE A 14 24.21 -23.13 -3.02
N ASN A 15 24.74 -23.12 -4.25
CA ASN A 15 25.15 -21.88 -4.85
C ASN A 15 24.20 -21.22 -5.83
N ASP A 16 23.03 -21.84 -6.11
CA ASP A 16 22.01 -21.31 -7.08
C ASP A 16 21.43 -19.96 -6.54
N GLU A 17 21.25 -18.97 -7.42
CA GLU A 17 20.76 -17.63 -7.06
C GLU A 17 19.93 -17.26 -8.29
N PHE A 18 18.62 -16.98 -8.12
CA PHE A 18 17.76 -16.61 -9.21
C PHE A 18 17.28 -15.23 -9.01
N ASN A 19 17.12 -14.46 -10.13
CA ASN A 19 16.59 -13.12 -9.95
CA ASN A 19 16.54 -13.13 -10.21
C ASN A 19 15.07 -13.12 -9.92
N GLU A 20 14.49 -11.92 -9.74
CA GLU A 20 12.99 -11.86 -9.60
C GLU A 20 12.23 -12.18 -10.89
N SER A 21 12.88 -12.16 -12.02
CA SER A 21 12.24 -12.61 -13.25
C SER A 21 12.01 -14.18 -13.34
N VAL A 22 12.49 -14.94 -12.35
CA VAL A 22 12.42 -16.39 -12.35
C VAL A 22 11.53 -16.86 -11.23
N ASN A 23 10.47 -17.58 -11.58
CA ASN A 23 9.44 -17.95 -10.56
C ASN A 23 8.66 -19.08 -11.11
N GLU A 24 9.17 -20.31 -10.99
CA GLU A 24 8.66 -21.43 -11.77
C GLU A 24 9.21 -22.72 -11.15
N PRO A 25 8.66 -23.89 -11.57
CA PRO A 25 9.17 -25.19 -11.05
C PRO A 25 10.58 -25.48 -11.56
N PHE A 26 11.36 -26.30 -10.84
CA PHE A 26 12.50 -26.94 -11.44
C PHE A 26 12.11 -27.94 -12.49
N ILE A 27 11.05 -28.70 -12.25
CA ILE A 27 10.58 -29.73 -13.21
C ILE A 27 9.14 -29.48 -13.46
N SER A 28 8.77 -29.22 -14.76
CA SER A 28 7.42 -28.85 -15.13
CA SER A 28 7.40 -28.87 -15.08
C SER A 28 6.77 -29.99 -15.89
N ASP A 29 5.49 -29.86 -16.28
CA ASP A 29 4.79 -30.94 -17.13
C ASP A 29 5.01 -32.33 -16.50
N ASN A 30 4.79 -32.41 -15.18
CA ASN A 30 4.81 -33.71 -14.51
C ASN A 30 3.52 -34.44 -14.85
N LYS A 31 3.48 -35.74 -14.72
CA LYS A 31 2.27 -36.52 -15.17
C LYS A 31 1.91 -37.45 -14.08
N VAL A 32 0.68 -37.27 -13.55
CA VAL A 32 0.20 -38.14 -12.52
C VAL A 32 0.27 -39.61 -12.95
N GLU A 33 -0.01 -39.85 -14.24
CA GLU A 33 -0.07 -41.26 -14.70
C GLU A 33 1.29 -41.98 -14.55
N ASP A 34 2.38 -41.21 -14.44
CA ASP A 34 3.78 -41.75 -14.39
C ASP A 34 4.28 -41.96 -12.97
N VAL A 35 3.55 -41.51 -11.94
CA VAL A 35 3.98 -41.63 -10.55
C VAL A 35 4.03 -43.08 -10.14
N ARG A 36 5.10 -43.47 -9.47
CA ARG A 36 5.22 -44.83 -8.95
C ARG A 36 3.97 -45.18 -8.15
N LYS A 37 3.46 -46.42 -8.32
CA LYS A 37 2.29 -46.94 -7.60
C LYS A 37 2.75 -47.78 -6.40
N ASP A 38 4.03 -48.11 -6.35
CA ASP A 38 4.53 -48.93 -5.26
C ASP A 38 5.09 -48.10 -4.06
N GLU A 39 4.79 -48.56 -2.84
CA GLU A 39 5.41 -47.90 -1.66
C GLU A 39 6.90 -48.07 -1.71
N TYR A 40 7.61 -47.04 -1.24
CA TYR A 40 9.09 -47.15 -1.05
C TYR A 40 9.41 -48.26 -0.03
N LYS A 41 10.54 -48.88 -0.23
CA LYS A 41 10.92 -50.05 0.54
C LYS A 41 11.56 -49.51 1.85
N LEU A 42 11.21 -50.17 2.94
CA LEU A 42 11.77 -49.85 4.28
C LEU A 42 12.74 -50.94 4.61
N PRO A 43 13.61 -50.70 5.59
CA PRO A 43 14.44 -51.84 5.97
C PRO A 43 13.66 -53.05 6.53
N PRO A 44 14.27 -54.26 6.51
CA PRO A 44 13.60 -55.47 7.04
C PRO A 44 13.01 -55.27 8.45
N GLY A 45 11.75 -55.66 8.68
CA GLY A 45 11.12 -55.63 9.99
C GLY A 45 10.34 -54.38 10.34
N TYR A 46 10.30 -53.49 9.36
CA TYR A 46 9.54 -52.15 9.48
C TYR A 46 8.51 -52.03 8.37
N SER A 47 7.37 -51.43 8.71
CA SER A 47 6.25 -51.34 7.73
C SER A 47 5.63 -49.98 7.74
N TRP A 48 5.09 -49.60 6.60
CA TRP A 48 4.23 -48.43 6.62
C TRP A 48 3.01 -48.62 7.42
N TYR A 49 2.41 -47.53 7.94
CA TYR A 49 1.21 -47.64 8.72
C TYR A 49 0.37 -46.39 8.38
N VAL A 50 -0.93 -46.50 8.05
CA VAL A 50 -1.65 -45.27 7.78
C VAL A 50 -2.31 -44.88 9.07
N CYS A 51 -1.90 -43.75 9.61
CA CYS A 51 -2.39 -43.29 10.96
C CYS A 51 -3.75 -42.66 10.79
N ASP A 52 -4.66 -42.98 11.73
CA ASP A 52 -5.91 -42.21 11.69
C ASP A 52 -5.94 -41.14 12.75
N VAL A 53 -5.55 -39.90 12.43
CA VAL A 53 -5.40 -38.88 13.50
CA VAL A 53 -5.39 -38.91 13.51
C VAL A 53 -6.71 -38.54 14.22
N LYS A 54 -7.86 -38.84 13.59
CA LYS A 54 -9.17 -38.69 14.32
C LYS A 54 -9.48 -39.83 15.28
N ASP A 55 -8.71 -40.89 15.24
CA ASP A 55 -8.85 -41.96 16.26
C ASP A 55 -7.96 -41.61 17.49
N GLU A 56 -8.56 -41.54 18.67
CA GLU A 56 -7.78 -41.10 19.86
C GLU A 56 -6.51 -41.93 20.04
N LYS A 57 -6.62 -43.23 19.88
CA LYS A 57 -5.49 -44.15 20.14
C LYS A 57 -4.36 -44.05 19.13
N ASP A 58 -4.67 -44.00 17.81
CA ASP A 58 -3.65 -43.72 16.80
C ASP A 58 -3.05 -42.32 17.07
N ARG A 59 -3.87 -41.34 17.43
CA ARG A 59 -3.38 -39.98 17.67
C ARG A 59 -2.46 -39.99 18.88
N SER A 60 -2.85 -40.75 19.92
N SER A 60 -2.83 -40.74 19.92
CA SER A 60 -1.95 -40.97 21.11
CA SER A 60 -1.90 -40.89 21.07
C SER A 60 -0.57 -41.51 20.73
C SER A 60 -0.55 -41.50 20.72
N GLU A 61 -0.52 -42.39 19.74
CA GLU A 61 0.69 -43.01 19.33
CA GLU A 61 0.73 -42.98 19.42
C GLU A 61 1.64 -41.96 18.73
N ILE A 62 1.05 -41.13 17.86
CA ILE A 62 1.86 -40.09 17.20
C ILE A 62 2.34 -39.11 18.33
N TYR A 63 1.43 -38.78 19.25
CA TYR A 63 1.74 -37.88 20.33
C TYR A 63 2.97 -38.40 21.11
N THR A 64 2.92 -39.68 21.47
CA THR A 64 4.00 -40.27 22.29
C THR A 64 5.33 -40.22 21.46
N LEU A 65 5.27 -40.62 20.19
CA LEU A 65 6.49 -40.53 19.36
C LEU A 65 7.16 -39.15 19.31
N LEU A 66 6.29 -38.13 19.15
CA LEU A 66 6.84 -36.75 19.14
C LEU A 66 7.32 -36.30 20.52
N THR A 67 6.55 -36.60 21.56
CA THR A 67 6.88 -36.17 22.91
C THR A 67 8.29 -36.67 23.29
N ASP A 68 8.59 -37.92 22.92
CA ASP A 68 9.90 -38.46 23.23
C ASP A 68 11.04 -38.16 22.21
N ASN A 69 10.69 -37.86 20.94
CA ASN A 69 11.69 -37.87 19.85
C ASN A 69 11.71 -36.66 18.94
N TYR A 70 10.90 -35.66 19.23
CA TYR A 70 10.80 -34.51 18.34
C TYR A 70 11.85 -33.46 18.64
N VAL A 71 11.70 -32.28 18.09
CA VAL A 71 12.80 -31.27 18.03
C VAL A 71 13.23 -30.85 19.40
N GLU A 72 14.56 -30.78 19.61
CA GLU A 72 15.15 -30.14 20.79
C GLU A 72 15.93 -28.90 20.41
N ASP A 73 16.13 -27.99 21.35
CA ASP A 73 17.07 -26.89 21.08
C ASP A 73 18.49 -27.51 21.01
N ASP A 74 19.48 -26.73 20.55
CA ASP A 74 20.86 -27.25 20.27
C ASP A 74 21.54 -27.74 21.55
N ASP A 75 21.11 -27.22 22.72
CA ASP A 75 21.67 -27.59 23.97
C ASP A 75 20.96 -28.78 24.68
N ASN A 76 19.91 -29.31 24.04
CA ASN A 76 19.14 -30.43 24.60
C ASN A 76 18.60 -30.17 25.96
N ILE A 77 18.02 -29.00 26.15
CA ILE A 77 17.36 -28.53 27.39
CA ILE A 77 17.36 -28.76 27.45
C ILE A 77 15.84 -28.69 27.25
N PHE A 78 15.36 -28.34 26.05
CA PHE A 78 13.91 -28.28 25.85
C PHE A 78 13.60 -29.23 24.67
N ARG A 79 12.49 -29.93 24.77
CA ARG A 79 11.93 -30.66 23.62
CA ARG A 79 11.93 -30.64 23.62
C ARG A 79 10.45 -30.25 23.35
N PHE A 80 10.12 -29.93 22.10
CA PHE A 80 8.70 -29.53 21.82
C PHE A 80 7.79 -30.63 22.30
N ASN A 81 6.66 -30.25 22.92
CA ASN A 81 5.64 -31.20 23.39
C ASN A 81 4.28 -30.73 22.83
N TYR A 82 4.11 -30.88 21.50
CA TYR A 82 2.79 -30.54 20.92
C TYR A 82 1.70 -31.45 21.57
N SER A 83 0.59 -30.88 21.96
CA SER A 83 -0.46 -31.75 22.63
C SER A 83 -1.21 -32.58 21.59
N ALA A 84 -1.84 -33.63 22.05
CA ALA A 84 -2.67 -34.43 21.11
C ALA A 84 -3.74 -33.61 20.45
N GLU A 85 -4.45 -32.74 21.24
CA GLU A 85 -5.49 -31.97 20.55
C GLU A 85 -4.89 -31.03 19.54
N PHE A 86 -3.69 -30.47 19.85
CA PHE A 86 -3.00 -29.60 18.82
C PHE A 86 -2.73 -30.39 17.52
N LEU A 87 -2.24 -31.66 17.68
CA LEU A 87 -1.98 -32.45 16.47
C LEU A 87 -3.25 -32.74 15.66
N LEU A 88 -4.35 -33.03 16.35
CA LEU A 88 -5.66 -33.16 15.67
C LEU A 88 -5.95 -31.90 14.78
N TRP A 89 -5.90 -30.70 15.39
CA TRP A 89 -6.09 -29.41 14.63
C TRP A 89 -5.13 -29.22 13.46
N ALA A 90 -3.85 -29.47 13.69
CA ALA A 90 -2.82 -29.24 12.69
C ALA A 90 -3.00 -30.12 11.53
N LEU A 91 -3.60 -31.33 11.74
CA LEU A 91 -3.58 -32.27 10.65
C LEU A 91 -4.91 -32.50 9.90
N THR A 92 -5.97 -31.88 10.36
CA THR A 92 -7.29 -32.26 9.87
C THR A 92 -7.94 -30.98 9.34
N SER A 93 -7.11 -30.10 8.77
CA SER A 93 -7.60 -28.88 8.19
C SER A 93 -8.41 -29.18 6.88
N PRO A 94 -8.96 -28.14 6.21
CA PRO A 94 -9.87 -28.51 5.08
C PRO A 94 -9.21 -29.25 3.93
N ASN A 95 -9.92 -30.27 3.48
CA ASN A 95 -9.47 -31.14 2.41
C ASN A 95 -8.24 -32.00 2.73
N TYR A 96 -7.96 -32.21 4.03
CA TYR A 96 -6.80 -33.06 4.41
C TYR A 96 -7.02 -34.43 3.82
N LEU A 97 -5.93 -35.12 3.61
CA LEU A 97 -5.93 -36.54 3.26
C LEU A 97 -5.35 -37.35 4.40
N LYS A 98 -6.13 -38.35 4.81
CA LYS A 98 -5.68 -39.33 5.76
C LYS A 98 -4.42 -40.02 5.24
N THR A 99 -4.35 -40.20 3.91
CA THR A 99 -3.20 -41.01 3.37
C THR A 99 -1.89 -40.19 3.32
N TRP A 100 -1.96 -38.92 3.77
CA TRP A 100 -0.73 -38.11 3.90
C TRP A 100 -0.32 -37.99 5.37
N HIS A 101 -0.83 -38.94 6.17
CA HIS A 101 -0.44 -39.01 7.58
C HIS A 101 0.20 -40.35 7.79
N ILE A 102 1.54 -40.41 7.61
CA ILE A 102 2.22 -41.70 7.28
C ILE A 102 3.10 -42.05 8.47
N GLY A 103 2.83 -43.21 9.07
CA GLY A 103 3.69 -43.71 10.13
C GLY A 103 4.58 -44.86 9.60
N VAL A 104 5.59 -45.22 10.40
CA VAL A 104 6.37 -46.48 10.17
C VAL A 104 6.40 -47.21 11.51
N LYS A 105 6.03 -48.50 11.50
CA LYS A 105 6.12 -49.27 12.69
C LYS A 105 7.22 -50.31 12.61
N TYR A 106 7.70 -50.72 13.78
CA TYR A 106 8.66 -51.79 13.85
C TYR A 106 7.78 -53.02 14.10
N ASP A 107 7.80 -53.97 13.18
CA ASP A 107 6.80 -55.00 13.18
C ASP A 107 6.81 -55.81 14.48
N ALA A 108 7.97 -56.06 15.04
CA ALA A 108 8.00 -57.05 16.20
C ALA A 108 7.43 -56.49 17.46
N SER A 109 7.47 -55.16 17.68
CA SER A 109 6.86 -54.57 18.85
C SER A 109 5.55 -53.87 18.53
N ASN A 110 5.24 -53.69 17.23
CA ASN A 110 4.08 -52.99 16.81
C ASN A 110 4.10 -51.54 17.28
N LYS A 111 5.26 -50.98 17.51
CA LYS A 111 5.29 -49.61 18.02
C LYS A 111 5.65 -48.64 16.86
N LEU A 112 5.05 -47.46 16.92
CA LEU A 112 5.36 -46.43 15.91
C LEU A 112 6.75 -45.87 16.14
N ILE A 113 7.62 -45.89 15.15
CA ILE A 113 8.99 -45.37 15.27
C ILE A 113 9.34 -44.23 14.30
N GLY A 114 8.39 -43.90 13.39
CA GLY A 114 8.66 -42.79 12.46
C GLY A 114 7.34 -42.22 12.00
N PHE A 115 7.38 -40.97 11.50
CA PHE A 115 6.15 -40.28 11.10
C PHE A 115 6.53 -39.16 10.15
N ILE A 116 5.63 -38.84 9.26
CA ILE A 116 5.74 -37.62 8.48
C ILE A 116 4.35 -37.23 8.04
N SER A 117 4.07 -35.93 7.86
CA SER A 117 2.72 -35.58 7.44
C SER A 117 2.69 -34.48 6.40
N ALA A 118 1.59 -34.39 5.66
CA ALA A 118 1.39 -33.22 4.84
C ALA A 118 -0.08 -32.88 4.89
N ILE A 119 -0.38 -31.59 4.66
CA ILE A 119 -1.74 -31.10 4.39
C ILE A 119 -1.70 -30.20 3.13
N PRO A 120 -2.85 -30.08 2.41
CA PRO A 120 -2.85 -29.25 1.21
C PRO A 120 -3.16 -27.79 1.53
N THR A 121 -2.57 -26.85 0.78
CA THR A 121 -2.74 -25.42 1.05
C THR A 121 -2.46 -24.71 -0.29
N ASP A 122 -3.15 -23.60 -0.58
CA ASP A 122 -2.78 -22.78 -1.75
CA ASP A 122 -2.78 -22.81 -1.79
C ASP A 122 -1.69 -21.81 -1.32
N ILE A 123 -0.52 -21.82 -1.98
CA ILE A 123 0.53 -20.95 -1.48
C ILE A 123 0.83 -19.94 -2.59
N CYS A 124 0.93 -18.69 -2.23
CA CYS A 124 1.24 -17.67 -3.23
C CYS A 124 2.72 -17.32 -2.99
N ILE A 125 3.55 -17.60 -3.98
CA ILE A 125 4.99 -17.27 -3.97
C ILE A 125 5.28 -16.20 -5.10
N HIS A 126 5.78 -15.01 -4.71
CA HIS A 126 6.03 -13.93 -5.72
CA HIS A 126 6.04 -13.94 -5.71
C HIS A 126 4.81 -13.76 -6.68
N LYS A 127 3.61 -13.76 -6.06
CA LYS A 127 2.36 -13.43 -6.76
CA LYS A 127 2.33 -13.43 -6.68
C LYS A 127 1.82 -14.54 -7.65
N ARG A 128 2.37 -15.73 -7.59
CA ARG A 128 1.77 -16.89 -8.33
C ARG A 128 1.24 -17.84 -7.28
N THR A 129 -0.03 -18.16 -7.42
CA THR A 129 -0.67 -19.08 -6.44
C THR A 129 -0.60 -20.52 -6.95
N ILE A 130 -0.07 -21.42 -6.14
CA ILE A 130 0.26 -22.80 -6.52
C ILE A 130 -0.42 -23.74 -5.48
N LYS A 131 -1.05 -24.82 -5.92
CA LYS A 131 -1.54 -25.85 -4.97
CA LYS A 131 -1.54 -25.83 -4.97
C LYS A 131 -0.31 -26.58 -4.44
N MET A 132 -0.11 -26.56 -3.13
CA MET A 132 1.11 -27.25 -2.60
C MET A 132 0.68 -28.16 -1.42
N ALA A 133 1.62 -28.93 -0.93
CA ALA A 133 1.50 -29.67 0.35
C ALA A 133 2.40 -28.96 1.36
N GLU A 134 1.90 -28.76 2.58
CA GLU A 134 2.69 -28.21 3.64
C GLU A 134 3.15 -29.44 4.41
N VAL A 135 4.47 -29.67 4.51
CA VAL A 135 5.00 -30.89 5.16
C VAL A 135 5.45 -30.51 6.57
N ASN A 136 5.16 -31.38 7.53
CA ASN A 136 5.45 -31.06 8.94
C ASN A 136 5.49 -32.38 9.76
N PHE A 137 6.06 -32.29 10.93
CA PHE A 137 6.11 -33.42 11.87
C PHE A 137 6.94 -34.59 11.45
N LEU A 138 7.96 -34.41 10.61
CA LEU A 138 8.89 -35.51 10.25
C LEU A 138 9.66 -35.91 11.51
N CYS A 139 9.58 -37.17 11.89
CA CYS A 139 10.22 -37.59 13.10
C CYS A 139 10.70 -39.04 12.97
N VAL A 140 11.97 -39.29 13.33
CA VAL A 140 12.44 -40.69 13.50
C VAL A 140 12.87 -40.92 15.00
N HIS A 141 12.48 -42.06 15.58
CA HIS A 141 12.83 -42.39 16.96
C HIS A 141 14.34 -42.17 17.22
N LYS A 142 14.68 -41.71 18.39
CA LYS A 142 16.09 -41.40 18.69
C LYS A 142 16.98 -42.65 18.54
N THR A 143 16.40 -43.83 18.77
CA THR A 143 17.23 -45.06 18.65
C THR A 143 17.54 -45.43 17.23
N LEU A 144 16.91 -44.74 16.25
CA LEU A 144 17.15 -45.16 14.82
C LEU A 144 17.68 -44.04 13.94
N ARG A 145 18.39 -43.11 14.56
CA ARG A 145 18.91 -41.93 13.83
C ARG A 145 20.12 -42.24 12.93
N SER A 146 20.28 -41.45 11.88
CA SER A 146 21.37 -41.54 10.89
C SER A 146 21.39 -42.88 10.22
N LYS A 147 20.21 -43.51 9.99
CA LYS A 147 20.14 -44.75 9.24
C LYS A 147 19.47 -44.51 7.88
N ARG A 148 19.35 -43.25 7.50
CA ARG A 148 18.79 -42.85 6.17
C ARG A 148 17.29 -43.26 6.10
N LEU A 149 16.60 -43.32 7.24
CA LEU A 149 15.12 -43.43 7.20
C LEU A 149 14.46 -42.17 6.69
N ALA A 150 14.97 -40.99 7.06
CA ALA A 150 14.23 -39.78 6.75
C ALA A 150 14.01 -39.62 5.20
N PRO A 151 15.04 -39.94 4.36
CA PRO A 151 14.78 -39.82 2.89
C PRO A 151 13.68 -40.77 2.40
N VAL A 152 13.59 -41.93 3.04
CA VAL A 152 12.52 -42.86 2.69
C VAL A 152 11.16 -42.20 2.98
N LEU A 153 11.04 -41.63 4.21
CA LEU A 153 9.77 -40.95 4.62
C LEU A 153 9.55 -39.81 3.60
N ILE A 154 10.61 -39.08 3.26
CA ILE A 154 10.35 -37.93 2.37
C ILE A 154 9.92 -38.39 0.93
N LYS A 155 10.60 -39.40 0.40
CA LYS A 155 10.28 -39.87 -0.92
C LYS A 155 8.81 -40.44 -0.95
N GLU A 156 8.49 -41.17 0.10
CA GLU A 156 7.14 -41.80 0.20
C GLU A 156 6.03 -40.72 0.30
N ILE A 157 6.24 -39.63 1.08
CA ILE A 157 5.18 -38.58 1.05
C ILE A 157 5.16 -37.81 -0.30
N THR A 158 6.33 -37.70 -0.94
CA THR A 158 6.39 -36.92 -2.18
C THR A 158 5.57 -37.75 -3.15
N ARG A 159 5.80 -39.08 -3.19
CA ARG A 159 5.01 -39.96 -4.10
C ARG A 159 3.48 -39.80 -3.85
N ARG A 160 3.06 -39.84 -2.58
CA ARG A 160 1.59 -39.77 -2.32
C ARG A 160 1.06 -38.36 -2.64
N ILE A 161 1.89 -37.34 -2.46
CA ILE A 161 1.41 -36.01 -2.84
C ILE A 161 1.27 -35.92 -4.38
N ASN A 162 2.29 -36.39 -5.12
CA ASN A 162 2.25 -36.39 -6.55
C ASN A 162 1.06 -37.17 -7.12
N LEU A 163 0.65 -38.24 -6.44
CA LEU A 163 -0.64 -38.88 -6.88
C LEU A 163 -1.84 -37.99 -6.95
N GLU A 164 -1.83 -36.91 -6.13
CA GLU A 164 -2.92 -35.97 -6.18
C GLU A 164 -2.63 -34.88 -7.16
N ASN A 165 -1.65 -35.05 -8.04
CA ASN A 165 -1.30 -34.00 -9.08
C ASN A 165 -0.79 -32.71 -8.45
N ILE A 166 -0.09 -32.86 -7.31
CA ILE A 166 0.53 -31.75 -6.61
C ILE A 166 2.05 -31.97 -6.69
N TRP A 167 2.77 -30.91 -7.10
CA TRP A 167 4.19 -31.03 -7.49
C TRP A 167 5.12 -30.03 -6.81
N GLN A 168 4.59 -29.29 -5.86
CA GLN A 168 5.31 -28.37 -5.03
C GLN A 168 4.98 -28.55 -3.59
N ALA A 169 5.92 -28.14 -2.69
CA ALA A 169 5.67 -28.26 -1.27
C ALA A 169 6.30 -27.10 -0.57
N ILE A 170 5.77 -26.78 0.61
CA ILE A 170 6.45 -25.78 1.47
C ILE A 170 6.76 -26.50 2.81
N TYR A 171 7.82 -26.12 3.46
CA TYR A 171 8.30 -26.78 4.73
C TYR A 171 9.28 -25.79 5.40
N THR A 172 9.47 -26.00 6.72
CA THR A 172 10.40 -25.13 7.44
C THR A 172 11.25 -26.07 8.32
N ALA A 173 12.46 -25.63 8.65
CA ALA A 173 13.28 -26.44 9.62
C ALA A 173 14.25 -25.43 10.22
N GLY A 174 14.74 -25.76 11.44
CA GLY A 174 15.83 -24.93 12.01
C GLY A 174 17.18 -25.28 11.39
N VAL A 175 17.31 -26.42 10.75
CA VAL A 175 18.58 -26.84 10.15
C VAL A 175 18.66 -26.28 8.72
N TYR A 176 19.89 -25.98 8.33
CA TYR A 176 20.14 -25.48 7.01
C TYR A 176 20.12 -26.69 6.01
N LEU A 177 19.35 -26.54 4.94
CA LEU A 177 19.23 -27.51 3.84
C LEU A 177 19.26 -26.73 2.56
N PRO A 178 19.52 -27.42 1.46
CA PRO A 178 19.41 -26.75 0.13
C PRO A 178 17.95 -26.46 -0.21
N LYS A 179 17.50 -25.22 -0.44
CA LYS A 179 18.22 -24.00 -0.02
C LYS A 179 17.12 -23.03 0.43
N PRO A 180 17.31 -22.26 1.49
CA PRO A 180 16.17 -21.47 1.98
C PRO A 180 15.70 -20.37 0.98
N VAL A 181 14.39 -20.18 0.86
CA VAL A 181 13.85 -18.99 0.15
CA VAL A 181 13.81 -19.00 0.15
C VAL A 181 13.86 -17.77 1.08
N SER A 182 13.77 -18.04 2.40
CA SER A 182 13.96 -17.03 3.44
C SER A 182 14.44 -17.60 4.78
N ASP A 183 14.95 -16.76 5.69
CA ASP A 183 15.58 -17.26 6.97
C ASP A 183 15.19 -16.29 8.03
N ALA A 184 14.42 -16.72 9.02
CA ALA A 184 13.91 -15.80 10.05
C ALA A 184 14.40 -16.21 11.47
N ARG A 185 15.19 -15.33 12.09
CA ARG A 185 15.48 -15.55 13.54
C ARG A 185 14.18 -15.43 14.40
N TYR A 186 14.17 -16.16 15.50
CA TYR A 186 13.17 -16.03 16.53
C TYR A 186 13.62 -15.25 17.72
N TYR A 187 12.63 -14.62 18.31
CA TYR A 187 12.81 -13.68 19.44
C TYR A 187 11.84 -14.07 20.55
N HIS A 188 12.17 -13.79 21.81
CA HIS A 188 11.29 -14.26 22.89
C HIS A 188 11.01 -13.16 23.85
N ARG A 189 9.73 -12.93 24.21
CA ARG A 189 9.36 -11.90 25.25
C ARG A 189 9.03 -12.62 26.56
N SER A 190 9.87 -12.45 27.59
CA SER A 190 9.62 -13.07 28.90
C SER A 190 8.32 -12.60 29.51
N ILE A 191 7.53 -13.54 30.07
CA ILE A 191 6.30 -13.20 30.81
C ILE A 191 6.44 -13.60 32.28
N ASN A 192 6.82 -14.85 32.49
CA ASN A 192 7.14 -15.35 33.85
CA ASN A 192 7.10 -15.34 33.84
C ASN A 192 8.64 -15.45 34.01
N VAL A 193 9.24 -14.32 34.28
CA VAL A 193 10.66 -14.04 34.33
CA VAL A 193 10.68 -14.26 34.14
C VAL A 193 11.36 -15.03 35.28
N LYS A 194 10.81 -15.11 36.48
CA LYS A 194 11.44 -15.95 37.54
C LYS A 194 11.59 -17.43 37.09
N LYS A 195 10.45 -17.96 36.62
CA LYS A 195 10.48 -19.32 36.05
C LYS A 195 11.57 -19.45 34.97
N LEU A 196 11.61 -18.52 34.01
CA LEU A 196 12.58 -18.64 32.92
C LEU A 196 14.05 -18.58 33.42
N ILE A 197 14.30 -17.81 34.50
N ILE A 197 14.33 -17.84 34.49
CA ILE A 197 15.62 -17.72 35.15
CA ILE A 197 15.68 -17.83 35.04
C ILE A 197 15.94 -19.08 35.81
C ILE A 197 15.93 -19.16 35.75
N GLU A 198 14.96 -19.60 36.54
CA GLU A 198 15.14 -20.84 37.29
C GLU A 198 15.39 -22.08 36.37
N ILE A 199 14.84 -22.09 35.16
CA ILE A 199 15.18 -23.18 34.23
C ILE A 199 16.38 -22.89 33.28
N GLY A 200 17.00 -21.74 33.38
CA GLY A 200 18.21 -21.46 32.64
C GLY A 200 17.98 -20.68 31.33
N PHE A 201 16.72 -20.50 30.96
CA PHE A 201 16.40 -19.76 29.70
C PHE A 201 16.80 -18.25 29.74
N SER A 202 16.64 -17.56 30.85
CA SER A 202 17.02 -16.13 30.89
C SER A 202 18.08 -15.99 32.05
N SER A 203 18.72 -14.82 32.16
CA SER A 203 19.90 -14.64 33.04
C SER A 203 19.77 -13.34 33.83
N LEU A 204 20.38 -13.36 35.02
CA LEU A 204 20.64 -12.19 35.83
C LEU A 204 22.15 -11.92 35.87
N ASN A 205 22.50 -10.78 36.51
CA ASN A 205 23.88 -10.34 36.70
C ASN A 205 23.87 -9.24 37.79
N SER A 206 25.03 -8.71 38.18
CA SER A 206 25.10 -7.85 39.37
C SER A 206 24.13 -6.63 39.27
N ARG A 207 24.04 -6.08 38.04
CA ARG A 207 23.09 -5.02 37.64
C ARG A 207 21.65 -5.55 37.69
N LEU A 208 21.38 -6.62 36.91
CA LEU A 208 20.02 -7.14 36.88
C LEU A 208 19.80 -8.21 37.93
N THR A 209 19.34 -7.81 39.12
CA THR A 209 18.99 -8.73 40.17
C THR A 209 17.60 -9.33 39.83
N MET A 210 17.25 -10.33 40.60
CA MET A 210 15.96 -10.97 40.39
C MET A 210 14.82 -9.97 40.50
N SER A 211 14.76 -9.18 41.58
CA SER A 211 13.68 -8.17 41.72
C SER A 211 13.62 -7.18 40.49
N ARG A 212 14.76 -6.79 39.98
CA ARG A 212 14.82 -5.83 38.87
C ARG A 212 14.38 -6.45 37.57
N ALA A 213 14.76 -7.69 37.35
CA ALA A 213 14.34 -8.48 36.15
C ALA A 213 12.86 -8.60 36.15
N ILE A 214 12.28 -8.94 37.31
CA ILE A 214 10.79 -9.05 37.42
C ILE A 214 10.14 -7.71 37.06
N LYS A 215 10.68 -6.61 37.57
CA LYS A 215 10.07 -5.31 37.32
C LYS A 215 10.16 -4.98 35.83
N LEU A 216 11.29 -5.27 35.25
CA LEU A 216 11.54 -4.93 33.84
C LEU A 216 10.40 -5.48 32.93
N TYR A 217 10.00 -6.71 33.21
CA TYR A 217 9.05 -7.41 32.32
C TYR A 217 7.59 -7.26 32.77
N ARG A 218 7.33 -6.50 33.85
CA ARG A 218 5.95 -6.22 34.37
CA ARG A 218 5.93 -6.27 34.37
C ARG A 218 5.10 -5.65 33.24
N VAL A 219 3.83 -6.09 33.14
CA VAL A 219 2.90 -5.49 32.15
C VAL A 219 1.61 -4.99 32.89
N GLU A 220 1.02 -3.95 32.34
CA GLU A 220 -0.24 -3.43 32.87
C GLU A 220 -1.34 -4.34 32.30
N ASP A 221 -2.23 -4.78 33.19
CA ASP A 221 -3.34 -5.65 32.86
C ASP A 221 -4.52 -4.87 32.26
N THR A 222 -4.23 -4.04 31.26
CA THR A 222 -5.31 -3.30 30.57
C THR A 222 -4.93 -3.23 29.07
N LEU A 223 -5.85 -3.67 28.24
CA LEU A 223 -5.71 -3.64 26.80
C LEU A 223 -5.69 -2.21 26.16
N ASN A 224 -4.79 -2.04 25.23
CA ASN A 224 -4.76 -0.88 24.29
C ASN A 224 -6.02 -0.79 23.45
N ILE A 225 -6.46 -1.96 22.97
CA ILE A 225 -7.70 -2.08 22.20
C ILE A 225 -8.76 -2.74 23.07
N LYS A 226 -9.61 -1.90 23.68
CA LYS A 226 -10.46 -2.28 24.81
C LYS A 226 -11.40 -3.39 24.53
N ASN A 227 -11.89 -3.41 23.29
CA ASN A 227 -12.91 -4.45 22.92
C ASN A 227 -12.33 -5.74 22.35
N MET A 228 -11.01 -5.91 22.36
CA MET A 228 -10.42 -7.11 21.78
CA MET A 228 -10.39 -7.17 21.85
C MET A 228 -10.98 -8.34 22.56
N ARG A 229 -11.55 -9.30 21.82
CA ARG A 229 -12.23 -10.47 22.49
C ARG A 229 -12.05 -11.78 21.76
N LEU A 230 -12.22 -12.92 22.41
CA LEU A 230 -12.13 -14.16 21.65
C LEU A 230 -12.99 -14.11 20.35
N MET A 231 -12.39 -14.65 19.26
CA MET A 231 -13.08 -14.84 18.03
C MET A 231 -14.21 -15.83 18.17
N LYS A 232 -15.31 -15.52 17.43
CA LYS A 232 -16.51 -16.35 17.46
C LYS A 232 -16.83 -16.78 16.04
N LYS A 233 -17.66 -17.83 15.87
CA LYS A 233 -18.05 -18.19 14.48
C LYS A 233 -18.56 -17.05 13.59
N LYS A 234 -19.29 -16.11 14.14
CA LYS A 234 -19.82 -14.99 13.36
C LYS A 234 -18.76 -14.11 12.71
N ASP A 235 -17.52 -14.26 13.21
CA ASP A 235 -16.44 -13.37 12.85
C ASP A 235 -15.64 -13.96 11.69
N VAL A 236 -15.98 -15.19 11.26
CA VAL A 236 -15.16 -15.86 10.29
C VAL A 236 -15.03 -14.94 9.00
N GLU A 237 -16.17 -14.41 8.47
CA GLU A 237 -16.12 -13.64 7.17
C GLU A 237 -15.20 -12.40 7.35
N GLY A 238 -15.33 -11.71 8.50
CA GLY A 238 -14.59 -10.48 8.75
C GLY A 238 -13.08 -10.75 8.88
N VAL A 239 -12.74 -11.83 9.52
CA VAL A 239 -11.32 -12.30 9.63
C VAL A 239 -10.78 -12.62 8.30
N HIS A 240 -11.55 -13.37 7.49
CA HIS A 240 -11.13 -13.73 6.17
C HIS A 240 -10.83 -12.47 5.29
N LYS A 241 -11.64 -11.42 5.39
N LYS A 241 -11.65 -11.43 5.45
CA LYS A 241 -11.34 -10.22 4.56
CA LYS A 241 -11.47 -10.20 4.67
C LYS A 241 -10.17 -9.44 5.12
C LYS A 241 -10.24 -9.47 5.12
N LEU A 242 -10.15 -9.25 6.45
CA LEU A 242 -9.02 -8.50 7.10
C LEU A 242 -7.68 -9.19 6.86
N LEU A 243 -7.66 -10.49 7.12
CA LEU A 243 -6.37 -11.20 7.00
C LEU A 243 -6.03 -11.35 5.50
N GLY A 244 -7.01 -11.80 4.66
CA GLY A 244 -6.83 -11.96 3.24
C GLY A 244 -6.25 -10.75 2.58
N SER A 245 -6.75 -9.58 2.95
N SER A 245 -6.73 -9.56 2.96
CA SER A 245 -6.25 -8.37 2.39
CA SER A 245 -6.28 -8.31 2.37
C SER A 245 -4.81 -8.13 2.79
C SER A 245 -4.88 -7.85 2.84
N TYR A 246 -4.58 -8.14 4.11
CA TYR A 246 -3.28 -7.94 4.69
C TYR A 246 -2.15 -8.80 4.03
N LEU A 247 -2.45 -10.11 3.82
CA LEU A 247 -1.39 -10.99 3.46
C LEU A 247 -0.95 -10.74 1.99
N GLU A 248 -1.77 -10.05 1.15
CA GLU A 248 -1.36 -9.85 -0.27
C GLU A 248 -0.08 -9.12 -0.49
N GLN A 249 0.34 -8.33 0.50
CA GLN A 249 1.57 -7.61 0.39
C GLN A 249 2.84 -8.47 0.41
N PHE A 250 2.76 -9.68 0.92
CA PHE A 250 4.04 -10.44 1.12
C PHE A 250 4.45 -11.24 -0.07
N ASN A 251 5.71 -11.70 -0.01
CA ASN A 251 6.34 -12.52 -1.09
CA ASN A 251 6.24 -12.52 -1.10
C ASN A 251 5.92 -14.00 -0.95
N LEU A 252 5.37 -14.38 0.20
CA LEU A 252 5.15 -15.81 0.46
C LEU A 252 4.01 -15.87 1.47
N TYR A 253 2.81 -16.45 1.12
CA TYR A 253 1.74 -16.48 2.13
C TYR A 253 0.77 -17.51 1.68
N ALA A 254 -0.07 -18.07 2.60
CA ALA A 254 -1.14 -18.98 2.16
C ALA A 254 -2.37 -18.16 1.73
N VAL A 255 -3.04 -18.61 0.67
CA VAL A 255 -4.33 -18.04 0.22
C VAL A 255 -5.53 -18.77 0.90
N PHE A 256 -6.01 -18.25 2.00
CA PHE A 256 -7.01 -18.95 2.82
C PHE A 256 -8.41 -18.73 2.23
N THR A 257 -9.18 -19.81 2.13
CA THR A 257 -10.63 -19.78 1.90
C THR A 257 -11.33 -19.55 3.22
N LYS A 258 -12.64 -19.31 3.16
CA LYS A 258 -13.36 -19.06 4.43
C LYS A 258 -13.32 -20.28 5.32
N GLU A 259 -13.32 -21.49 4.70
CA GLU A 259 -13.30 -22.70 5.50
C GLU A 259 -11.99 -22.89 6.21
N GLU A 260 -10.89 -22.57 5.54
CA GLU A 260 -9.57 -22.50 6.18
C GLU A 260 -9.50 -21.44 7.31
N ILE A 261 -10.10 -20.27 7.13
CA ILE A 261 -10.11 -19.29 8.24
C ILE A 261 -10.84 -19.83 9.44
N ALA A 262 -11.99 -20.49 9.25
CA ALA A 262 -12.65 -21.02 10.44
C ALA A 262 -11.80 -22.10 11.13
N HIS A 263 -11.17 -22.94 10.34
CA HIS A 263 -10.40 -24.02 10.91
C HIS A 263 -9.13 -23.47 11.67
N TRP A 264 -8.41 -22.55 11.00
CA TRP A 264 -7.11 -22.11 11.57
C TRP A 264 -7.20 -21.07 12.66
N PHE A 265 -8.34 -20.39 12.72
CA PHE A 265 -8.54 -19.37 13.75
C PHE A 265 -9.57 -19.53 14.84
N LEU A 266 -10.66 -20.29 14.63
CA LEU A 266 -11.60 -20.38 15.74
C LEU A 266 -10.97 -20.93 17.00
N PRO A 267 -11.20 -20.31 18.13
CA PRO A 267 -10.31 -20.71 19.28
C PRO A 267 -10.53 -22.11 19.78
N ILE A 268 -9.44 -22.77 20.22
CA ILE A 268 -9.51 -24.06 20.91
C ILE A 268 -8.55 -23.98 22.12
N GLU A 269 -9.07 -24.11 23.31
CA GLU A 269 -8.30 -23.93 24.55
CA GLU A 269 -8.26 -23.82 24.51
C GLU A 269 -7.05 -24.76 24.48
N ASN A 270 -5.90 -24.19 24.87
CA ASN A 270 -4.62 -24.89 24.84
C ASN A 270 -4.14 -25.30 23.50
N VAL A 271 -4.71 -24.71 22.42
CA VAL A 271 -4.28 -24.93 21.07
C VAL A 271 -4.11 -23.63 20.31
N ILE A 272 -5.21 -22.98 19.97
CA ILE A 272 -5.13 -21.77 19.11
C ILE A 272 -5.97 -20.67 19.86
N TYR A 273 -5.40 -19.45 19.99
CA TYR A 273 -6.14 -18.33 20.54
C TYR A 273 -6.21 -17.19 19.50
N THR A 274 -7.44 -16.77 19.17
CA THR A 274 -7.56 -15.64 18.24
C THR A 274 -8.50 -14.64 18.90
N TYR A 275 -8.14 -13.35 18.80
CA TYR A 275 -8.98 -12.29 19.37
C TYR A 275 -9.24 -11.29 18.26
N VAL A 276 -10.39 -10.63 18.33
CA VAL A 276 -10.79 -9.64 17.29
C VAL A 276 -11.35 -8.39 17.94
N ASN A 277 -11.20 -7.28 17.21
CA ASN A 277 -11.86 -6.06 17.56
C ASN A 277 -12.93 -5.77 16.49
N GLU A 278 -14.18 -5.76 16.91
CA GLU A 278 -15.32 -5.60 15.95
C GLU A 278 -15.89 -4.22 16.15
N GLU A 279 -16.00 -3.48 15.07
CA GLU A 279 -16.66 -2.14 15.16
C GLU A 279 -17.77 -2.15 14.12
N ASN A 280 -19.05 -1.96 14.53
CA ASN A 280 -20.10 -1.85 13.51
CA ASN A 280 -20.25 -1.95 13.69
C ASN A 280 -20.23 -3.18 12.79
N GLY A 281 -19.99 -4.30 13.47
CA GLY A 281 -20.11 -5.62 12.88
C GLY A 281 -19.04 -5.89 11.82
N LYS A 282 -17.96 -5.09 11.86
CA LYS A 282 -16.75 -5.29 11.00
C LYS A 282 -15.54 -5.62 11.85
N ILE A 283 -14.75 -6.53 11.36
CA ILE A 283 -13.54 -6.94 12.12
C ILE A 283 -12.45 -5.97 11.67
N LYS A 284 -11.99 -5.11 12.58
CA LYS A 284 -10.93 -4.17 12.26
C LYS A 284 -9.48 -4.55 12.72
N ASP A 285 -9.36 -5.49 13.66
CA ASP A 285 -8.00 -5.82 14.16
C ASP A 285 -8.08 -7.23 14.66
N MET A 286 -6.97 -7.99 14.55
CA MET A 286 -7.01 -9.36 15.08
C MET A 286 -5.63 -9.67 15.69
N ILE A 287 -5.63 -10.58 16.67
CA ILE A 287 -4.41 -11.12 17.30
C ILE A 287 -4.55 -12.61 17.28
N SER A 288 -3.51 -13.36 17.00
CA SER A 288 -3.60 -14.82 17.19
C SER A 288 -2.24 -15.39 17.62
N PHE A 289 -2.31 -16.44 18.42
CA PHE A 289 -1.06 -17.13 18.86
C PHE A 289 -1.48 -18.57 19.19
N TYR A 290 -0.59 -19.52 18.99
CA TYR A 290 -0.90 -20.91 19.25
C TYR A 290 -0.04 -21.37 20.45
N SER A 291 -0.51 -22.43 21.12
CA SER A 291 0.19 -22.99 22.29
C SER A 291 1.10 -24.15 21.92
N LEU A 292 2.40 -23.97 22.19
CA LEU A 292 3.37 -24.99 21.97
C LEU A 292 4.31 -25.12 23.17
N PRO A 293 3.94 -26.07 24.10
CA PRO A 293 4.81 -26.21 25.31
C PRO A 293 6.07 -26.90 24.91
N SER A 294 7.13 -26.61 25.66
CA SER A 294 8.27 -27.48 25.58
C SER A 294 8.44 -28.26 26.90
N GLN A 295 8.72 -29.54 26.75
CA GLN A 295 9.15 -30.32 27.89
C GLN A 295 10.53 -29.85 28.34
N ILE A 296 10.72 -29.65 29.66
CA ILE A 296 12.02 -29.20 30.19
C ILE A 296 12.78 -30.51 30.60
N LEU A 297 13.95 -30.67 30.06
CA LEU A 297 14.71 -31.93 30.38
C LEU A 297 15.67 -31.70 31.60
N GLY A 298 15.51 -32.46 32.67
CA GLY A 298 16.56 -32.48 33.73
C GLY A 298 16.54 -31.26 34.67
N ASN A 299 15.42 -30.55 34.71
CA ASN A 299 15.18 -29.52 35.76
C ASN A 299 14.42 -30.13 36.93
N ASP A 300 14.96 -30.00 38.13
CA ASP A 300 14.29 -30.64 39.25
C ASP A 300 12.93 -30.04 39.48
N LYS A 301 12.69 -28.75 39.21
CA LYS A 301 11.43 -28.15 39.71
C LYS A 301 10.29 -28.11 38.68
N TYR A 302 10.64 -27.89 37.43
CA TYR A 302 9.61 -27.69 36.38
C TYR A 302 9.75 -28.76 35.35
N SER A 303 8.63 -29.25 34.87
CA SER A 303 8.73 -30.19 33.72
C SER A 303 8.27 -29.52 32.37
N THR A 304 7.55 -28.36 32.43
CA THR A 304 6.93 -27.87 31.16
C THR A 304 7.16 -26.37 31.06
N LEU A 305 7.50 -25.91 29.89
CA LEU A 305 7.61 -24.44 29.64
C LEU A 305 6.34 -24.10 28.82
N ASN A 306 5.44 -23.26 29.30
CA ASN A 306 4.26 -22.95 28.55
CA ASN A 306 4.27 -22.98 28.47
C ASN A 306 4.55 -21.76 27.65
N ALA A 307 4.44 -21.95 26.32
CA ALA A 307 4.89 -20.95 25.41
C ALA A 307 3.77 -20.64 24.38
N ALA A 308 3.52 -19.33 24.10
CA ALA A 308 2.58 -18.86 23.05
C ALA A 308 3.42 -18.40 21.91
N TYR A 309 3.07 -18.80 20.69
CA TYR A 309 3.81 -18.49 19.55
C TYR A 309 2.98 -17.57 18.66
N SER A 310 3.52 -16.42 18.31
CA SER A 310 2.75 -15.43 17.51
C SER A 310 2.44 -16.07 16.19
N PHE A 311 1.20 -15.87 15.74
CA PHE A 311 0.69 -16.54 14.55
C PHE A 311 0.39 -15.41 13.49
N TYR A 312 -0.83 -14.90 13.42
CA TYR A 312 -1.17 -13.75 12.46
C TYR A 312 -1.78 -12.61 13.30
N ASN A 313 -1.29 -11.36 13.10
CA ASN A 313 -1.72 -10.18 13.84
C ASN A 313 -1.86 -9.04 12.80
N VAL A 314 -3.06 -8.37 12.82
CA VAL A 314 -3.35 -7.28 11.84
C VAL A 314 -4.05 -6.16 12.66
N THR A 315 -3.57 -4.91 12.48
CA THR A 315 -4.23 -3.79 13.05
C THR A 315 -4.60 -2.69 11.99
N THR A 316 -5.81 -2.19 12.10
CA THR A 316 -6.16 -0.96 11.31
C THR A 316 -6.57 0.20 12.22
N THR A 317 -6.75 0.00 13.53
CA THR A 317 -7.17 1.07 14.45
C THR A 317 -6.13 1.44 15.51
N ALA A 318 -4.97 0.80 15.51
CA ALA A 318 -3.89 0.97 16.53
C ALA A 318 -2.56 0.90 15.79
N THR A 319 -1.47 1.18 16.48
CA THR A 319 -0.18 0.90 15.89
C THR A 319 0.12 -0.61 16.09
N PHE A 320 1.04 -1.09 15.25
CA PHE A 320 1.41 -2.51 15.31
C PHE A 320 2.02 -2.76 16.74
N LYS A 321 2.77 -1.79 17.28
CA LYS A 321 3.34 -1.93 18.61
C LYS A 321 2.25 -2.10 19.64
N GLN A 322 1.16 -1.27 19.48
CA GLN A 322 0.09 -1.37 20.44
C GLN A 322 -0.63 -2.76 20.35
N LEU A 323 -0.77 -3.27 19.12
CA LEU A 323 -1.42 -4.55 18.88
C LEU A 323 -0.62 -5.69 19.52
N MET A 324 0.71 -5.65 19.36
CA MET A 324 1.55 -6.73 19.83
C MET A 324 1.71 -6.66 21.35
N GLN A 325 1.66 -5.43 21.92
CA GLN A 325 1.60 -5.26 23.33
C GLN A 325 0.34 -5.97 23.88
N ASP A 326 -0.82 -5.75 23.21
CA ASP A 326 -2.04 -6.49 23.61
C ASP A 326 -1.87 -8.01 23.46
N ALA A 327 -1.18 -8.45 22.41
CA ALA A 327 -1.02 -9.93 22.17
C ALA A 327 -0.20 -10.48 23.40
N ILE A 328 0.84 -9.79 23.82
CA ILE A 328 1.65 -10.24 25.01
C ILE A 328 0.74 -10.29 26.24
N LEU A 329 -0.16 -9.27 26.40
CA LEU A 329 -0.98 -9.22 27.61
C LEU A 329 -1.99 -10.37 27.57
N LEU A 330 -2.53 -10.68 26.37
CA LEU A 330 -3.47 -11.81 26.26
C LEU A 330 -2.78 -13.17 26.49
N ALA A 331 -1.50 -13.28 26.15
CA ALA A 331 -0.78 -14.53 26.41
C ALA A 331 -0.56 -14.61 27.90
N LYS A 332 -0.30 -13.47 28.52
CA LYS A 332 -0.08 -13.46 29.98
C LYS A 332 -1.37 -13.88 30.72
N ARG A 333 -2.51 -13.37 30.22
CA ARG A 333 -3.80 -13.64 30.87
C ARG A 333 -4.12 -15.12 30.73
N ASN A 334 -3.54 -15.76 29.71
CA ASN A 334 -3.78 -17.18 29.49
C ASN A 334 -2.67 -18.09 30.06
N ASN A 335 -1.89 -17.60 31.01
N ASN A 335 -1.85 -17.50 30.93
CA ASN A 335 -0.98 -18.47 31.77
CA ASN A 335 -0.92 -18.23 31.78
C ASN A 335 0.33 -18.84 31.05
C ASN A 335 0.27 -18.82 31.03
N PHE A 336 0.64 -18.18 29.93
CA PHE A 336 1.87 -18.47 29.23
C PHE A 336 3.11 -17.85 29.89
N ASP A 337 4.26 -18.54 29.77
CA ASP A 337 5.46 -18.09 30.49
C ASP A 337 6.26 -17.23 29.58
N VAL A 338 6.12 -17.44 28.27
CA VAL A 338 7.00 -16.70 27.24
C VAL A 338 6.15 -16.51 26.00
N PHE A 339 6.43 -15.47 25.21
CA PHE A 339 5.72 -15.21 23.97
C PHE A 339 6.81 -15.16 22.86
N ASN A 340 6.68 -16.07 21.85
CA ASN A 340 7.76 -16.28 20.89
C ASN A 340 7.28 -15.71 19.51
N ALA A 341 8.15 -15.01 18.83
CA ALA A 341 7.83 -14.58 17.50
C ALA A 341 9.04 -14.63 16.54
N LEU A 342 8.79 -14.81 15.27
CA LEU A 342 9.82 -14.73 14.27
C LEU A 342 9.85 -13.28 13.64
N GLU A 343 10.99 -12.93 13.07
CA GLU A 343 11.15 -11.61 12.38
C GLU A 343 10.49 -11.67 10.96
N VAL A 344 9.22 -12.11 10.91
CA VAL A 344 8.47 -12.14 9.65
C VAL A 344 7.42 -11.05 9.71
N MET A 345 6.82 -10.74 8.57
CA MET A 345 5.80 -9.72 8.49
C MET A 345 6.28 -8.43 9.08
N GLN A 346 5.49 -7.75 9.91
CA GLN A 346 5.97 -6.49 10.58
C GLN A 346 6.56 -6.75 11.94
N ASN A 347 6.87 -8.01 12.29
CA ASN A 347 7.24 -8.26 13.74
C ASN A 347 8.54 -7.61 14.21
N LYS A 348 9.58 -7.63 13.41
CA LYS A 348 10.87 -7.23 13.88
C LYS A 348 10.83 -5.72 14.42
N SER A 349 9.96 -4.94 13.80
CA SER A 349 9.84 -3.53 14.16
C SER A 349 9.37 -3.29 15.58
N VAL A 350 8.76 -4.28 16.24
CA VAL A 350 8.34 -3.99 17.66
C VAL A 350 9.25 -4.72 18.74
N PHE A 351 10.17 -5.51 18.28
CA PHE A 351 10.97 -6.33 19.18
C PHE A 351 11.74 -5.51 20.25
N GLU A 352 12.43 -4.44 19.83
N GLU A 352 12.43 -4.43 19.84
CA GLU A 352 13.22 -3.65 20.81
CA GLU A 352 13.20 -3.63 20.82
C GLU A 352 12.29 -3.03 21.84
C GLU A 352 12.27 -3.02 21.85
N ASP A 353 11.27 -2.32 21.34
CA ASP A 353 10.40 -1.55 22.27
C ASP A 353 9.60 -2.42 23.18
N LEU A 354 9.16 -3.63 22.68
CA LEU A 354 8.38 -4.51 23.52
C LEU A 354 9.26 -5.54 24.37
N LYS A 355 10.59 -5.27 24.45
CA LYS A 355 11.46 -6.02 25.30
C LYS A 355 11.62 -7.52 24.89
N PHE A 356 11.54 -7.81 23.59
CA PHE A 356 11.93 -9.15 23.17
C PHE A 356 13.43 -9.33 23.23
N GLY A 357 13.89 -10.56 23.47
CA GLY A 357 15.32 -10.85 23.33
C GLY A 357 15.59 -11.74 22.14
N GLU A 358 16.72 -11.50 21.45
CA GLU A 358 17.10 -12.42 20.34
C GLU A 358 17.36 -13.82 20.85
N GLY A 359 16.82 -14.82 20.12
CA GLY A 359 17.06 -16.20 20.48
C GLY A 359 18.40 -16.73 19.92
N ASP A 360 18.48 -18.08 19.84
CA ASP A 360 19.70 -18.85 19.60
CA ASP A 360 19.79 -18.68 19.55
C ASP A 360 19.87 -19.30 18.16
N GLY A 361 18.91 -18.98 17.29
CA GLY A 361 18.94 -19.67 15.94
C GLY A 361 17.84 -19.05 15.07
N SER A 362 17.63 -19.72 13.94
CA SER A 362 16.63 -19.15 13.01
C SER A 362 15.80 -20.34 12.44
N LEU A 363 14.61 -19.97 11.93
CA LEU A 363 13.81 -20.91 11.13
C LEU A 363 13.94 -20.61 9.67
N LYS A 364 14.32 -21.64 8.93
CA LYS A 364 14.46 -21.53 7.44
C LYS A 364 13.16 -21.96 6.73
N TYR A 365 12.73 -21.13 5.76
CA TYR A 365 11.61 -21.53 4.89
C TYR A 365 12.10 -22.13 3.56
N TYR A 366 11.44 -23.20 3.12
CA TYR A 366 11.85 -23.92 1.93
C TYR A 366 10.69 -24.20 1.00
N LEU A 367 11.01 -24.30 -0.30
CA LEU A 367 10.00 -24.81 -1.24
C LEU A 367 10.63 -25.98 -1.95
N TYR A 368 9.83 -26.98 -2.26
CA TYR A 368 10.25 -28.11 -3.03
C TYR A 368 9.80 -27.96 -4.42
N ASN A 369 10.69 -28.18 -5.37
CA ASN A 369 10.40 -28.07 -6.82
C ASN A 369 9.97 -26.65 -7.29
N TRP A 370 10.61 -25.62 -6.71
CA TRP A 370 10.23 -24.25 -7.10
C TRP A 370 11.57 -23.41 -7.06
N LYS A 371 11.79 -22.72 -8.18
CA LYS A 371 12.96 -21.88 -8.39
C LYS A 371 12.47 -20.39 -8.36
N CYS A 372 13.13 -19.56 -7.54
CA CYS A 372 12.69 -18.18 -7.37
C CYS A 372 13.79 -17.44 -6.62
N ALA A 373 13.65 -16.14 -6.50
CA ALA A 373 14.56 -15.28 -5.78
C ALA A 373 14.29 -15.45 -4.27
N SER A 374 15.32 -15.36 -3.46
CA SER A 374 15.15 -15.46 -2.01
C SER A 374 14.85 -14.05 -1.53
N PHE A 375 14.49 -13.87 -0.25
CA PHE A 375 14.11 -12.54 0.22
C PHE A 375 14.24 -12.49 1.71
N ALA A 376 14.33 -11.27 2.21
CA ALA A 376 14.41 -11.03 3.67
C ALA A 376 13.15 -11.46 4.35
N PRO A 377 13.26 -11.84 5.62
CA PRO A 377 12.06 -12.46 6.29
C PRO A 377 10.89 -11.47 6.50
N ALA A 378 11.14 -10.16 6.47
CA ALA A 378 10.00 -9.20 6.55
C ALA A 378 8.98 -9.39 5.40
N HIS A 379 9.42 -10.04 4.33
CA HIS A 379 8.55 -10.27 3.19
C HIS A 379 7.87 -11.68 3.25
N VAL A 380 8.21 -12.49 4.31
CA VAL A 380 7.51 -13.74 4.59
C VAL A 380 6.23 -13.40 5.31
N GLY A 381 5.12 -13.93 4.78
CA GLY A 381 3.82 -13.75 5.39
C GLY A 381 3.11 -15.11 5.64
N ILE A 382 3.86 -16.13 6.10
CA ILE A 382 3.16 -17.34 6.52
C ILE A 382 3.92 -17.87 7.75
N VAL A 383 3.20 -18.53 8.61
CA VAL A 383 3.74 -19.11 9.90
C VAL A 383 3.30 -20.57 9.87
N LEU A 384 4.28 -21.49 9.83
CA LEU A 384 3.96 -22.90 9.93
C LEU A 384 4.10 -23.43 11.36
N LEU A 385 3.27 -24.39 11.75
CA LEU A 385 3.21 -24.78 13.14
C LEU A 385 4.43 -25.56 13.58
N ILE B 1 16.70 14.93 29.13
CA ILE B 1 16.79 15.83 27.94
C ILE B 1 15.37 16.43 27.53
N ASP B 2 15.25 17.76 27.52
CA ASP B 2 13.97 18.47 27.57
C ASP B 2 13.47 19.05 26.21
N TYR B 3 14.35 19.16 25.22
CA TYR B 3 13.96 19.77 23.90
C TYR B 3 13.18 21.09 24.00
N LYS B 4 13.76 22.10 24.69
CA LYS B 4 13.04 23.32 24.93
CA LYS B 4 13.08 23.35 24.94
C LYS B 4 12.74 24.08 23.64
N PHE B 5 13.59 23.94 22.62
CA PHE B 5 13.32 24.66 21.33
C PHE B 5 12.40 23.77 20.54
N TRP B 6 12.76 22.47 20.37
CA TRP B 6 11.92 21.60 19.52
C TRP B 6 10.49 21.55 20.02
N TYR B 7 10.23 21.63 21.37
CA TYR B 7 8.85 21.42 21.75
CA TYR B 7 8.87 21.52 21.94
C TYR B 7 7.95 22.63 21.39
N THR B 8 8.53 23.73 21.03
CA THR B 8 7.80 24.94 20.51
C THR B 8 7.47 24.83 19.05
N GLN B 9 7.98 23.76 18.41
CA GLN B 9 7.80 23.51 16.96
C GLN B 9 6.71 22.51 16.62
N PRO B 10 6.14 22.61 15.39
CA PRO B 10 5.13 21.64 14.91
C PRO B 10 5.83 20.31 14.52
N VAL B 11 6.34 19.54 15.50
CA VAL B 11 6.91 18.24 15.32
C VAL B 11 6.36 17.35 16.47
N PRO B 12 6.52 16.06 16.36
CA PRO B 12 5.93 15.17 17.41
C PRO B 12 6.62 15.32 18.74
N LYS B 13 5.84 15.18 19.82
CA LYS B 13 6.48 15.11 21.12
C LYS B 13 7.18 13.72 21.23
N ILE B 14 8.21 13.61 22.08
CA ILE B 14 8.93 12.34 22.26
C ILE B 14 7.99 11.11 22.47
N ASN B 15 6.87 11.27 23.18
CA ASN B 15 5.98 10.12 23.32
C ASN B 15 4.78 9.97 22.31
N ASP B 16 4.76 10.75 21.24
CA ASP B 16 3.69 10.68 20.24
C ASP B 16 3.89 9.44 19.36
N GLU B 17 2.81 8.67 19.19
CA GLU B 17 2.85 7.56 18.23
CA GLU B 17 2.83 7.55 18.25
C GLU B 17 1.50 7.64 17.53
N PHE B 18 1.53 7.68 16.22
CA PHE B 18 0.31 7.78 15.42
C PHE B 18 0.11 6.49 14.61
N ASN B 19 -1.15 6.10 14.42
CA ASN B 19 -1.56 5.00 13.48
CA ASN B 19 -1.31 4.97 13.49
C ASN B 19 -1.32 5.32 11.99
N GLU B 20 -1.35 4.32 11.11
CA GLU B 20 -1.28 4.58 9.66
C GLU B 20 -2.52 5.32 9.11
N SER B 21 -3.58 5.42 9.86
CA SER B 21 -4.67 6.26 9.46
C SER B 21 -4.30 7.76 9.44
N VAL B 22 -3.17 8.13 10.03
CA VAL B 22 -2.92 9.56 10.29
C VAL B 22 -1.81 9.97 9.34
N ASN B 23 -2.03 11.02 8.53
CA ASN B 23 -0.99 11.39 7.58
C ASN B 23 -1.29 12.82 7.10
N GLU B 24 -0.89 13.81 7.90
CA GLU B 24 -1.37 15.16 7.70
C GLU B 24 -0.48 16.18 8.45
N PRO B 25 -0.59 17.45 8.11
CA PRO B 25 0.18 18.39 8.94
C PRO B 25 -0.15 18.49 10.42
N PHE B 26 0.79 18.96 11.25
CA PHE B 26 0.39 19.45 12.56
C PHE B 26 -0.43 20.72 12.47
N ILE B 27 -0.04 21.60 11.59
CA ILE B 27 -0.71 22.86 11.47
C ILE B 27 -1.03 23.06 10.01
N SER B 28 -2.31 23.27 9.73
CA SER B 28 -2.80 23.48 8.37
C SER B 28 -3.31 24.89 8.16
N ASP B 29 -3.72 25.16 6.93
CA ASP B 29 -4.34 26.48 6.68
CA ASP B 29 -4.30 26.48 6.58
C ASP B 29 -3.36 27.66 6.92
N ASN B 30 -2.09 27.44 6.68
CA ASN B 30 -1.09 28.49 6.85
C ASN B 30 -1.20 29.58 5.72
N LYS B 31 -0.78 30.81 5.97
CA LYS B 31 -0.94 31.91 5.03
C LYS B 31 0.35 32.67 4.85
N VAL B 32 0.81 32.75 3.60
CA VAL B 32 2.03 33.52 3.27
C VAL B 32 1.90 35.00 3.78
N GLU B 33 0.65 35.50 3.76
CA GLU B 33 0.42 36.93 4.09
C GLU B 33 0.79 37.18 5.54
N ASP B 34 0.74 36.11 6.37
CA ASP B 34 0.96 36.32 7.81
C ASP B 34 2.43 36.01 8.24
N VAL B 35 3.25 35.41 7.33
CA VAL B 35 4.62 35.06 7.71
C VAL B 35 5.37 36.32 8.13
N ARG B 36 6.21 36.17 9.16
CA ARG B 36 7.05 37.34 9.54
C ARG B 36 7.82 37.82 8.32
N LYS B 37 7.80 39.13 8.08
CA LYS B 37 8.69 39.66 7.01
C LYS B 37 10.03 40.21 7.48
N ASP B 38 10.28 40.22 8.78
CA ASP B 38 11.59 40.62 9.34
C ASP B 38 12.47 39.41 9.60
N GLU B 39 13.78 39.53 9.28
CA GLU B 39 14.75 38.50 9.67
C GLU B 39 14.79 38.30 11.16
N TYR B 40 14.97 37.04 11.59
CA TYR B 40 15.23 36.79 13.01
C TYR B 40 16.45 37.57 13.49
N LYS B 41 16.38 38.00 14.76
CA LYS B 41 17.52 38.73 15.33
CA LYS B 41 17.50 38.73 15.35
C LYS B 41 18.66 37.83 15.75
N LEU B 42 19.91 38.28 15.48
CA LEU B 42 21.08 37.61 15.88
C LEU B 42 21.75 38.35 17.07
N PRO B 43 22.64 37.67 17.80
CA PRO B 43 23.31 38.34 18.95
C PRO B 43 24.12 39.50 18.37
N PRO B 44 24.47 40.45 19.24
CA PRO B 44 25.32 41.56 18.75
C PRO B 44 26.61 41.19 18.01
N GLY B 45 26.87 41.83 16.86
CA GLY B 45 28.11 41.73 16.12
C GLY B 45 28.02 40.62 15.07
N TYR B 46 26.80 40.02 14.92
CA TYR B 46 26.57 38.93 13.92
C TYR B 46 25.56 39.44 12.90
N SER B 47 25.69 39.01 11.66
CA SER B 47 24.80 39.44 10.57
CA SER B 47 24.72 39.38 10.64
C SER B 47 24.46 38.25 9.68
N TRP B 48 23.23 38.28 9.15
CA TRP B 48 22.88 37.35 8.06
C TRP B 48 23.70 37.67 6.84
N TYR B 49 24.10 36.62 6.10
CA TYR B 49 24.75 36.80 4.87
C TYR B 49 24.04 36.02 3.71
N VAL B 50 23.92 36.66 2.56
CA VAL B 50 23.33 36.04 1.37
C VAL B 50 24.41 35.25 0.65
N CYS B 51 24.47 33.93 0.78
CA CYS B 51 25.55 33.18 0.19
C CYS B 51 25.18 32.93 -1.29
N ASP B 52 26.03 33.30 -2.25
CA ASP B 52 25.73 32.99 -3.64
C ASP B 52 26.59 31.80 -3.98
N VAL B 53 26.00 30.61 -4.00
CA VAL B 53 26.82 29.39 -4.08
C VAL B 53 27.54 29.24 -5.42
N LYS B 54 27.04 30.02 -6.39
CA LYS B 54 27.71 30.03 -7.71
C LYS B 54 28.92 30.92 -7.79
N ASP B 55 29.09 31.74 -6.76
CA ASP B 55 30.21 32.69 -6.66
C ASP B 55 31.31 31.96 -5.97
N GLU B 56 32.48 31.89 -6.62
CA GLU B 56 33.59 31.10 -6.08
C GLU B 56 34.03 31.54 -4.67
N LYS B 57 34.13 32.86 -4.44
CA LYS B 57 34.46 33.36 -3.13
C LYS B 57 33.44 32.84 -2.00
N ASP B 58 32.15 33.03 -2.28
CA ASP B 58 31.11 32.64 -1.29
C ASP B 58 31.21 31.15 -1.05
N ARG B 59 31.29 30.43 -2.18
CA ARG B 59 31.39 28.96 -2.10
C ARG B 59 32.61 28.53 -1.25
N SER B 60 33.76 29.17 -1.47
CA SER B 60 34.94 28.85 -0.70
C SER B 60 34.79 29.11 0.81
N GLU B 61 34.02 30.15 1.19
CA GLU B 61 33.73 30.45 2.60
CA GLU B 61 33.82 30.38 2.61
C GLU B 61 32.85 29.36 3.21
N ILE B 62 31.87 28.93 2.43
CA ILE B 62 31.06 27.76 2.95
C ILE B 62 31.95 26.51 3.11
N TYR B 63 32.74 26.22 2.08
CA TYR B 63 33.67 25.05 2.06
C TYR B 63 34.52 25.09 3.34
N THR B 64 35.10 26.27 3.62
CA THR B 64 35.96 26.33 4.80
C THR B 64 35.24 26.12 6.08
N LEU B 65 34.07 26.78 6.21
CA LEU B 65 33.27 26.50 7.42
C LEU B 65 33.03 24.99 7.64
N LEU B 66 32.58 24.29 6.58
CA LEU B 66 32.26 22.88 6.78
C LEU B 66 33.48 22.04 6.94
N THR B 67 34.55 22.35 6.21
CA THR B 67 35.76 21.52 6.39
C THR B 67 36.25 21.58 7.80
N ASP B 68 36.20 22.77 8.41
CA ASP B 68 36.65 22.89 9.80
C ASP B 68 35.68 22.50 10.91
N ASN B 69 34.37 22.53 10.65
CA ASN B 69 33.38 22.51 11.73
C ASN B 69 32.19 21.57 11.51
N TYR B 70 32.22 20.76 10.43
CA TYR B 70 31.01 19.95 10.15
C TYR B 70 31.07 18.63 10.91
N VAL B 71 30.22 17.68 10.53
CA VAL B 71 30.00 16.42 11.30
C VAL B 71 31.27 15.61 11.52
N GLU B 72 31.54 15.27 12.78
CA GLU B 72 32.55 14.27 13.19
C GLU B 72 31.92 12.99 13.73
N ASP B 73 32.58 11.84 13.56
CA ASP B 73 32.14 10.55 14.20
C ASP B 73 32.21 10.78 15.71
N ASP B 74 31.61 9.87 16.52
CA ASP B 74 31.61 10.08 18.02
C ASP B 74 32.99 10.10 18.64
N ASP B 75 33.95 9.51 17.94
CA ASP B 75 35.27 9.37 18.51
C ASP B 75 36.17 10.54 18.16
N ASN B 76 35.63 11.53 17.40
CA ASN B 76 36.47 12.65 16.80
C ASN B 76 37.75 12.33 16.01
N ILE B 77 37.73 11.29 15.20
CA ILE B 77 38.87 10.95 14.33
CA ILE B 77 38.88 11.01 14.33
C ILE B 77 38.60 11.34 12.86
N PHE B 78 37.33 11.41 12.51
CA PHE B 78 37.01 11.73 11.13
C PHE B 78 36.03 12.94 11.08
N ARG B 79 36.22 13.84 10.10
CA ARG B 79 35.29 14.95 9.86
C ARG B 79 34.90 14.97 8.37
N PHE B 80 33.59 15.01 8.06
CA PHE B 80 33.16 15.10 6.70
C PHE B 80 33.81 16.31 5.98
N ASN B 81 34.27 16.07 4.74
CA ASN B 81 34.99 17.07 3.95
C ASN B 81 34.35 17.17 2.57
N TYR B 82 33.09 17.59 2.49
CA TYR B 82 32.43 17.77 1.20
C TYR B 82 33.22 18.73 0.35
N SER B 83 33.42 18.37 -0.90
CA SER B 83 34.25 19.24 -1.77
C SER B 83 33.41 20.47 -2.19
N ALA B 84 34.13 21.53 -2.53
CA ALA B 84 33.41 22.73 -3.08
C ALA B 84 32.53 22.37 -4.25
N GLU B 85 33.05 21.57 -5.18
CA GLU B 85 32.24 21.12 -6.35
C GLU B 85 30.99 20.34 -5.93
N PHE B 86 31.13 19.51 -4.91
CA PHE B 86 29.99 18.80 -4.36
C PHE B 86 28.99 19.75 -3.84
N LEU B 87 29.44 20.75 -3.09
CA LEU B 87 28.49 21.74 -2.51
C LEU B 87 27.72 22.51 -3.60
N LEU B 88 28.38 22.91 -4.69
CA LEU B 88 27.71 23.57 -5.78
C LEU B 88 26.66 22.66 -6.36
N TRP B 89 26.99 21.36 -6.59
CA TRP B 89 25.94 20.42 -7.09
C TRP B 89 24.75 20.24 -6.09
N ALA B 90 25.06 20.01 -4.81
CA ALA B 90 24.04 19.75 -3.82
C ALA B 90 22.99 20.89 -3.71
N LEU B 91 23.41 22.11 -3.98
CA LEU B 91 22.68 23.28 -3.56
C LEU B 91 22.03 23.99 -4.75
N THR B 92 22.41 23.63 -5.99
CA THR B 92 21.86 24.38 -7.14
C THR B 92 20.95 23.48 -8.02
N SER B 93 20.24 22.54 -7.36
CA SER B 93 19.31 21.65 -8.05
C SER B 93 18.13 22.44 -8.65
N PRO B 94 17.32 21.80 -9.50
CA PRO B 94 16.29 22.54 -10.18
C PRO B 94 15.34 23.37 -9.32
N ASN B 95 15.12 24.60 -9.77
CA ASN B 95 14.30 25.59 -9.05
C ASN B 95 14.74 25.94 -7.66
N TYR B 96 16.03 25.78 -7.37
CA TYR B 96 16.52 26.19 -6.02
C TYR B 96 16.32 27.68 -5.83
N LEU B 97 16.23 28.04 -4.56
CA LEU B 97 16.06 29.45 -4.13
C LEU B 97 17.39 29.94 -3.54
N LYS B 98 17.87 31.09 -4.06
CA LYS B 98 19.06 31.68 -3.53
C LYS B 98 18.81 32.14 -2.07
N THR B 99 17.55 32.43 -1.73
CA THR B 99 17.23 32.97 -0.40
C THR B 99 17.40 31.83 0.64
N TRP B 100 17.48 30.56 0.17
CA TRP B 100 17.49 29.47 1.17
C TRP B 100 18.94 29.00 1.37
N HIS B 101 19.97 29.81 0.93
CA HIS B 101 21.36 29.42 1.19
C HIS B 101 21.84 30.58 2.15
N ILE B 102 21.88 30.27 3.44
CA ILE B 102 21.85 31.33 4.47
C ILE B 102 23.13 31.26 5.30
N GLY B 103 23.94 32.34 5.27
CA GLY B 103 25.13 32.31 6.11
C GLY B 103 24.98 33.31 7.29
N VAL B 104 25.89 33.18 8.27
CA VAL B 104 25.96 34.13 9.39
C VAL B 104 27.44 34.51 9.48
N LYS B 105 27.69 35.82 9.49
CA LYS B 105 29.09 36.34 9.61
C LYS B 105 29.28 37.05 10.96
N TYR B 106 30.49 36.94 11.54
CA TYR B 106 30.94 37.81 12.66
C TYR B 106 31.42 39.09 11.97
N ASP B 107 30.78 40.23 12.24
CA ASP B 107 31.04 41.42 11.44
C ASP B 107 32.52 41.86 11.61
N ALA B 108 33.07 41.72 12.79
CA ALA B 108 34.37 42.40 13.05
C ALA B 108 35.46 41.77 12.15
N SER B 109 35.33 40.46 11.92
CA SER B 109 36.32 39.71 11.21
C SER B 109 35.85 39.33 9.82
N ASN B 110 34.55 39.54 9.52
CA ASN B 110 33.97 39.30 8.18
C ASN B 110 34.17 37.82 7.84
N LYS B 111 34.15 36.99 8.87
CA LYS B 111 34.25 35.52 8.62
C LYS B 111 32.85 34.80 8.75
N LEU B 112 32.67 33.77 7.91
CA LEU B 112 31.49 32.87 8.02
C LEU B 112 31.56 31.96 9.24
N ILE B 113 30.61 32.11 10.16
CA ILE B 113 30.57 31.23 11.38
C ILE B 113 29.31 30.35 11.52
N GLY B 114 28.39 30.52 10.58
CA GLY B 114 27.25 29.62 10.58
C GLY B 114 26.62 29.57 9.17
N PHE B 115 25.90 28.47 8.93
CA PHE B 115 25.29 28.23 7.67
C PHE B 115 24.15 27.23 7.81
N ILE B 116 23.14 27.39 6.95
CA ILE B 116 22.06 26.42 6.87
C ILE B 116 21.52 26.56 5.43
N SER B 117 21.00 25.46 4.88
CA SER B 117 20.49 25.52 3.52
C SER B 117 19.24 24.67 3.40
N ALA B 118 18.48 24.94 2.31
CA ALA B 118 17.46 24.00 1.83
C ALA B 118 17.29 24.08 0.34
N ILE B 119 16.79 22.96 -0.26
CA ILE B 119 16.34 23.04 -1.63
C ILE B 119 14.95 22.44 -1.68
N PRO B 120 14.15 22.81 -2.70
CA PRO B 120 12.79 22.27 -2.79
C PRO B 120 12.70 21.00 -3.54
N THR B 121 11.78 20.14 -3.11
CA THR B 121 11.49 18.95 -3.95
C THR B 121 10.11 18.41 -3.51
N ASP B 122 9.56 17.53 -4.33
CA ASP B 122 8.29 16.87 -3.96
CA ASP B 122 8.26 16.87 -4.01
C ASP B 122 8.60 15.60 -3.23
N ILE B 123 7.99 15.47 -2.03
CA ILE B 123 8.29 14.33 -1.19
C ILE B 123 6.94 13.60 -1.03
N CYS B 124 6.97 12.29 -1.31
CA CYS B 124 5.85 11.43 -1.11
C CYS B 124 5.95 10.67 0.26
N ILE B 125 5.06 10.95 1.21
CA ILE B 125 5.07 10.31 2.54
C ILE B 125 3.73 9.53 2.66
N HIS B 126 3.84 8.20 2.75
CA HIS B 126 2.64 7.32 2.89
C HIS B 126 1.64 7.69 1.76
N LYS B 127 2.16 7.73 0.55
CA LYS B 127 1.36 7.89 -0.67
C LYS B 127 0.74 9.28 -0.84
N ARG B 128 1.05 10.27 0.00
CA ARG B 128 0.66 11.66 -0.32
C ARG B 128 1.88 12.47 -0.72
N THR B 129 1.79 13.20 -1.85
CA THR B 129 2.90 14.03 -2.34
C THR B 129 2.73 15.47 -1.88
N ILE B 130 3.79 15.98 -1.26
CA ILE B 130 3.76 17.32 -0.69
C ILE B 130 5.02 18.06 -1.11
N LYS B 131 4.87 19.35 -1.45
CA LYS B 131 6.06 20.15 -1.76
CA LYS B 131 6.08 20.16 -1.78
C LYS B 131 6.81 20.43 -0.48
N MET B 132 8.10 20.05 -0.41
CA MET B 132 8.81 20.22 0.86
C MET B 132 10.17 20.94 0.63
N ALA B 133 10.71 21.52 1.70
CA ALA B 133 12.13 21.88 1.65
C ALA B 133 12.97 20.75 2.20
N GLU B 134 14.15 20.47 1.60
CA GLU B 134 15.09 19.50 2.09
CA GLU B 134 15.10 19.50 2.07
C GLU B 134 16.24 20.28 2.74
N VAL B 135 16.33 20.18 4.04
CA VAL B 135 17.27 21.03 4.88
C VAL B 135 18.56 20.32 5.12
N ASN B 136 19.70 20.99 4.90
CA ASN B 136 20.99 20.24 5.03
C ASN B 136 22.07 21.26 5.27
N PHE B 137 23.26 20.75 5.67
CA PHE B 137 24.43 21.57 5.93
C PHE B 137 24.29 22.59 7.08
N LEU B 138 23.42 22.34 8.05
CA LEU B 138 23.42 23.25 9.25
C LEU B 138 24.75 23.16 10.00
N CYS B 139 25.39 24.28 10.34
CA CYS B 139 26.73 24.23 10.88
C CYS B 139 26.99 25.49 11.63
N VAL B 140 27.45 25.34 12.88
CA VAL B 140 27.88 26.52 13.66
C VAL B 140 29.32 26.30 14.02
N HIS B 141 30.12 27.37 13.89
CA HIS B 141 31.60 27.28 14.22
C HIS B 141 31.82 26.62 15.60
N LYS B 142 32.84 25.76 15.70
CA LYS B 142 33.12 25.07 16.95
C LYS B 142 33.35 26.08 18.12
N THR B 143 33.87 27.26 17.87
CA THR B 143 34.09 28.26 18.95
C THR B 143 32.77 28.83 19.46
N LEU B 144 31.65 28.56 18.80
CA LEU B 144 30.38 29.25 19.13
C LEU B 144 29.25 28.26 19.49
N ARG B 145 29.63 27.03 19.94
CA ARG B 145 28.67 25.99 20.17
C ARG B 145 27.89 26.19 21.49
N SER B 146 26.65 25.69 21.55
CA SER B 146 25.82 25.70 22.72
C SER B 146 25.44 27.12 23.14
N LYS B 147 25.37 28.04 22.17
CA LYS B 147 24.90 29.38 22.46
C LYS B 147 23.50 29.64 21.89
N ARG B 148 22.77 28.60 21.44
CA ARG B 148 21.40 28.76 20.92
C ARG B 148 21.42 29.46 19.58
N LEU B 149 22.53 29.32 18.83
CA LEU B 149 22.49 29.92 17.46
C LEU B 149 21.68 29.04 16.54
N ALA B 150 21.77 27.73 16.77
CA ALA B 150 21.09 26.77 15.75
C ALA B 150 19.55 27.02 15.68
N PRO B 151 18.88 27.24 16.80
CA PRO B 151 17.42 27.56 16.63
C PRO B 151 17.19 28.84 15.83
N VAL B 152 18.15 29.75 15.86
CA VAL B 152 17.90 31.05 15.13
C VAL B 152 18.01 30.74 13.64
N LEU B 153 19.04 29.98 13.21
CA LEU B 153 19.17 29.52 11.81
CA LEU B 153 19.19 29.53 11.81
C LEU B 153 17.97 28.73 11.35
N ILE B 154 17.48 27.86 12.26
CA ILE B 154 16.34 26.98 11.87
C ILE B 154 15.07 27.85 11.69
N LYS B 155 14.85 28.82 12.56
CA LYS B 155 13.62 29.57 12.53
C LYS B 155 13.68 30.52 11.26
N GLU B 156 14.89 31.02 10.99
CA GLU B 156 15.03 31.96 9.86
C GLU B 156 14.90 31.23 8.54
N ILE B 157 15.46 30.04 8.43
CA ILE B 157 15.18 29.29 7.19
C ILE B 157 13.71 28.87 7.07
N THR B 158 13.06 28.57 8.21
CA THR B 158 11.63 28.22 8.17
C THR B 158 10.83 29.39 7.66
N ARG B 159 11.22 30.60 8.09
CA ARG B 159 10.56 31.78 7.64
C ARG B 159 10.66 31.95 6.13
N ARG B 160 11.89 31.81 5.63
CA ARG B 160 12.08 32.01 4.15
C ARG B 160 11.39 30.95 3.32
N ILE B 161 11.32 29.73 3.84
CA ILE B 161 10.60 28.68 3.19
C ILE B 161 9.11 28.92 3.15
N ASN B 162 8.61 29.38 4.29
CA ASN B 162 7.15 29.71 4.40
C ASN B 162 6.81 30.85 3.35
N LEU B 163 7.77 31.70 3.03
CA LEU B 163 7.48 32.86 2.04
C LEU B 163 7.29 32.31 0.62
N GLU B 164 7.64 31.00 0.42
CA GLU B 164 7.35 30.29 -0.82
C GLU B 164 6.12 29.37 -0.74
N ASN B 165 5.31 29.55 0.31
CA ASN B 165 4.07 28.85 0.53
C ASN B 165 4.37 27.35 0.69
N ILE B 166 5.55 27.06 1.29
CA ILE B 166 5.90 25.69 1.63
C ILE B 166 5.97 25.55 3.14
N TRP B 167 5.35 24.48 3.66
CA TRP B 167 5.09 24.41 5.13
C TRP B 167 5.60 23.12 5.76
N GLN B 168 6.25 22.29 4.93
CA GLN B 168 6.81 21.05 5.48
C GLN B 168 8.23 20.94 4.99
N ALA B 169 9.03 20.15 5.73
CA ALA B 169 10.39 19.92 5.37
C ALA B 169 10.84 18.51 5.75
N ILE B 170 11.88 18.04 5.10
CA ILE B 170 12.52 16.75 5.43
C ILE B 170 13.91 17.00 5.78
N TYR B 171 14.46 16.27 6.77
CA TYR B 171 15.81 16.46 7.18
C TYR B 171 16.31 15.17 7.80
N THR B 172 17.62 14.98 7.83
CA THR B 172 18.21 13.83 8.52
C THR B 172 19.23 14.26 9.54
N ALA B 173 19.47 13.44 10.56
CA ALA B 173 20.59 13.77 11.51
C ALA B 173 20.99 12.49 12.21
N GLY B 174 22.25 12.43 12.66
CA GLY B 174 22.71 11.28 13.38
C GLY B 174 22.25 11.44 14.80
N VAL B 175 21.87 12.66 15.18
CA VAL B 175 21.41 12.80 16.58
C VAL B 175 19.89 12.54 16.74
N TYR B 176 19.48 12.09 17.93
CA TYR B 176 18.08 11.89 18.19
C TYR B 176 17.40 13.23 18.52
N LEU B 177 16.25 13.50 17.89
CA LEU B 177 15.52 14.74 18.08
C LEU B 177 14.05 14.32 18.05
N PRO B 178 13.13 15.15 18.56
CA PRO B 178 11.73 14.84 18.36
C PRO B 178 11.20 15.04 16.88
N LYS B 179 10.73 14.01 16.18
CA LYS B 179 10.84 12.57 16.51
C LYS B 179 11.03 11.83 15.19
N PRO B 180 11.90 10.75 15.14
CA PRO B 180 12.11 10.26 13.83
C PRO B 180 10.87 9.58 13.26
N VAL B 181 10.79 9.62 11.92
CA VAL B 181 9.80 8.81 11.17
C VAL B 181 10.43 7.53 10.85
N SER B 182 11.77 7.48 10.88
CA SER B 182 12.49 6.12 10.65
C SER B 182 13.96 6.28 11.06
N ASP B 183 14.68 5.21 11.27
CA ASP B 183 16.03 5.36 11.86
C ASP B 183 16.81 4.24 11.22
N ALA B 184 17.87 4.57 10.51
CA ALA B 184 18.59 3.55 9.62
C ALA B 184 20.05 3.50 10.03
N ARG B 185 20.51 2.36 10.48
CA ARG B 185 21.91 2.21 10.75
C ARG B 185 22.71 2.25 9.49
N TYR B 186 23.97 2.69 9.59
CA TYR B 186 24.88 2.53 8.43
C TYR B 186 25.84 1.37 8.61
N TYR B 187 26.28 0.89 7.47
CA TYR B 187 27.21 -0.25 7.30
C TYR B 187 28.26 0.11 6.32
N HIS B 188 29.40 -0.57 6.39
CA HIS B 188 30.61 -0.17 5.67
C HIS B 188 31.25 -1.34 4.99
N ARG B 189 31.53 -1.25 3.72
CA ARG B 189 32.21 -2.41 3.06
C ARG B 189 33.65 -1.97 2.73
N SER B 190 34.65 -2.54 3.44
CA SER B 190 36.05 -2.27 3.20
C SER B 190 36.42 -2.51 1.79
N ILE B 191 37.16 -1.59 1.21
CA ILE B 191 37.77 -1.86 -0.12
C ILE B 191 39.34 -1.83 0.01
N ASN B 192 39.86 -0.74 0.56
CA ASN B 192 41.29 -0.62 0.88
C ASN B 192 41.54 -0.92 2.31
N VAL B 193 41.64 -2.23 2.57
CA VAL B 193 41.62 -2.75 3.92
C VAL B 193 42.80 -2.23 4.81
N LYS B 194 43.99 -2.34 4.26
CA LYS B 194 45.19 -1.97 5.01
C LYS B 194 45.05 -0.52 5.57
N LYS B 195 44.67 0.35 4.65
CA LYS B 195 44.46 1.75 5.01
C LYS B 195 43.42 1.88 6.12
N LEU B 196 42.26 1.21 5.97
CA LEU B 196 41.21 1.37 6.97
C LEU B 196 41.69 0.85 8.32
N ILE B 197 42.55 -0.16 8.31
CA ILE B 197 43.16 -0.70 9.56
CA ILE B 197 43.07 -0.64 9.61
C ILE B 197 44.08 0.34 10.18
N GLU B 198 44.97 0.85 9.34
CA GLU B 198 45.97 1.76 9.84
C GLU B 198 45.37 3.01 10.44
N ILE B 199 44.18 3.44 9.93
CA ILE B 199 43.63 4.76 10.36
C ILE B 199 42.69 4.56 11.52
N GLY B 200 42.46 3.32 11.92
CA GLY B 200 41.53 3.12 13.01
C GLY B 200 40.02 3.05 12.60
N PHE B 201 39.71 2.95 11.32
CA PHE B 201 38.30 2.77 10.87
C PHE B 201 37.96 1.26 11.12
N SER B 202 38.76 0.30 10.59
CA SER B 202 38.55 -1.16 10.87
C SER B 202 39.58 -1.73 11.82
N SER B 203 39.37 -3.01 12.21
CA SER B 203 40.13 -3.68 13.21
C SER B 203 40.52 -5.12 12.77
N LEU B 204 41.65 -5.64 13.29
CA LEU B 204 42.07 -7.03 13.13
C LEU B 204 42.07 -7.78 14.47
N ASN B 205 42.18 -9.12 14.40
CA ASN B 205 42.07 -10.08 15.50
CA ASN B 205 42.35 -9.92 15.62
C ASN B 205 43.12 -11.20 15.35
N SER B 206 43.28 -12.04 16.39
CA SER B 206 44.19 -13.21 16.33
C SER B 206 43.86 -14.14 15.12
N ARG B 207 42.54 -14.25 14.85
CA ARG B 207 41.99 -15.00 13.69
C ARG B 207 42.15 -14.20 12.39
N LEU B 208 41.85 -12.89 12.48
CA LEU B 208 41.96 -12.05 11.28
C LEU B 208 43.32 -11.27 11.31
N THR B 209 44.33 -11.88 10.75
CA THR B 209 45.64 -11.23 10.51
C THR B 209 45.50 -10.21 9.35
N MET B 210 46.47 -9.31 9.20
CA MET B 210 46.47 -8.41 8.08
C MET B 210 46.31 -9.12 6.69
N SER B 211 47.08 -10.16 6.40
CA SER B 211 46.92 -10.79 5.09
C SER B 211 45.54 -11.45 4.95
N ARG B 212 45.02 -12.01 6.02
CA ARG B 212 43.69 -12.67 5.87
C ARG B 212 42.58 -11.59 5.66
N ALA B 213 42.74 -10.41 6.26
CA ALA B 213 41.75 -9.35 6.03
C ALA B 213 41.79 -8.85 4.59
N ILE B 214 42.99 -8.71 4.06
CA ILE B 214 43.07 -8.26 2.69
C ILE B 214 42.45 -9.31 1.80
N LYS B 215 42.72 -10.58 2.09
CA LYS B 215 42.18 -11.64 1.29
C LYS B 215 40.67 -11.69 1.43
N LEU B 216 40.17 -11.43 2.63
CA LEU B 216 38.73 -11.55 2.81
C LEU B 216 37.97 -10.48 1.96
N TYR B 217 38.55 -9.32 1.74
CA TYR B 217 37.82 -8.21 1.06
C TYR B 217 38.21 -8.07 -0.38
N ARG B 218 39.12 -8.93 -0.88
CA ARG B 218 39.53 -8.92 -2.26
CA ARG B 218 39.53 -8.92 -2.29
C ARG B 218 38.32 -9.11 -3.17
N VAL B 219 38.27 -8.36 -4.27
CA VAL B 219 37.16 -8.58 -5.25
C VAL B 219 37.68 -8.91 -6.65
N GLU B 220 36.89 -9.67 -7.41
CA GLU B 220 37.21 -9.97 -8.83
C GLU B 220 36.91 -8.69 -9.69
N ASP B 221 37.87 -8.25 -10.50
CA ASP B 221 37.66 -7.03 -11.31
C ASP B 221 36.84 -7.38 -12.58
N THR B 222 35.72 -8.08 -12.46
CA THR B 222 34.81 -8.30 -13.62
C THR B 222 33.36 -8.09 -13.13
N LEU B 223 32.61 -7.30 -13.89
CA LEU B 223 31.23 -6.96 -13.56
C LEU B 223 30.34 -8.17 -13.76
N ASN B 224 29.39 -8.33 -12.84
CA ASN B 224 28.27 -9.24 -13.07
C ASN B 224 27.43 -8.86 -14.25
N ILE B 225 27.25 -7.53 -14.45
CA ILE B 225 26.39 -6.91 -15.51
C ILE B 225 27.40 -6.26 -16.43
N LYS B 226 27.80 -7.02 -17.43
CA LYS B 226 28.96 -6.58 -18.27
C LYS B 226 28.87 -5.18 -18.87
N ASN B 227 27.68 -4.79 -19.35
CA ASN B 227 27.55 -3.52 -20.05
C ASN B 227 27.26 -2.30 -19.15
N MET B 228 27.37 -2.48 -17.84
CA MET B 228 27.23 -1.34 -16.91
CA MET B 228 27.28 -1.31 -16.90
C MET B 228 28.22 -0.22 -17.35
N ARG B 229 27.67 0.96 -17.63
CA ARG B 229 28.47 2.05 -18.13
C ARG B 229 28.02 3.39 -17.54
N LEU B 230 28.92 4.37 -17.57
CA LEU B 230 28.51 5.72 -17.10
C LEU B 230 27.31 6.23 -17.82
N MET B 231 26.43 6.89 -17.03
CA MET B 231 25.25 7.44 -17.56
C MET B 231 25.57 8.65 -18.46
N LYS B 232 24.81 8.81 -19.53
CA LYS B 232 24.89 9.91 -20.53
C LYS B 232 23.60 10.64 -20.61
N LYS B 233 23.61 11.86 -21.16
CA LYS B 233 22.35 12.62 -21.28
C LYS B 233 21.16 11.88 -21.93
N LYS B 234 21.44 11.13 -22.99
CA LYS B 234 20.34 10.30 -23.67
C LYS B 234 19.68 9.30 -22.71
N ASP B 235 20.34 8.91 -21.60
CA ASP B 235 19.75 7.93 -20.68
C ASP B 235 18.78 8.60 -19.65
N VAL B 236 18.59 9.93 -19.65
CA VAL B 236 17.76 10.63 -18.63
C VAL B 236 16.34 10.08 -18.58
N GLU B 237 15.68 9.93 -19.73
CA GLU B 237 14.31 9.47 -19.74
C GLU B 237 14.27 8.04 -19.21
N GLY B 238 15.23 7.21 -19.65
CA GLY B 238 15.18 5.80 -19.19
C GLY B 238 15.42 5.63 -17.69
N VAL B 239 16.30 6.46 -17.15
CA VAL B 239 16.60 6.44 -15.68
C VAL B 239 15.37 6.96 -14.96
N HIS B 240 14.74 7.96 -15.50
CA HIS B 240 13.53 8.52 -14.88
C HIS B 240 12.40 7.52 -14.74
N LYS B 241 12.21 6.73 -15.81
CA LYS B 241 11.22 5.70 -15.79
CA LYS B 241 11.22 5.70 -15.80
C LYS B 241 11.61 4.57 -14.84
N LEU B 242 12.82 4.14 -14.93
CA LEU B 242 13.26 3.03 -14.05
C LEU B 242 13.14 3.38 -12.54
N LEU B 243 13.80 4.52 -12.19
CA LEU B 243 13.90 4.91 -10.78
C LEU B 243 12.47 5.32 -10.26
N GLY B 244 11.71 6.03 -11.07
CA GLY B 244 10.37 6.53 -10.76
C GLY B 244 9.46 5.35 -10.39
N SER B 245 9.46 4.34 -11.26
N SER B 245 9.44 4.31 -11.23
CA SER B 245 8.69 3.12 -11.01
CA SER B 245 8.59 3.15 -10.93
C SER B 245 9.08 2.46 -9.68
C SER B 245 9.06 2.36 -9.70
N TYR B 246 10.38 2.28 -9.51
CA TYR B 246 10.97 1.55 -8.38
C TYR B 246 10.65 2.20 -7.04
N LEU B 247 10.66 3.53 -7.01
CA LEU B 247 10.59 4.21 -5.73
C LEU B 247 9.13 4.23 -5.16
N GLU B 248 8.13 4.06 -6.04
CA GLU B 248 6.72 4.02 -5.58
C GLU B 248 6.41 3.02 -4.48
N GLN B 249 7.20 1.99 -4.33
CA GLN B 249 6.87 1.01 -3.37
C GLN B 249 7.17 1.52 -1.94
N PHE B 250 7.95 2.60 -1.78
CA PHE B 250 8.35 3.01 -0.40
C PHE B 250 7.37 3.90 0.29
N ASN B 251 7.52 3.98 1.63
CA ASN B 251 6.73 4.87 2.46
C ASN B 251 7.23 6.35 2.42
N LEU B 252 8.46 6.56 1.96
CA LEU B 252 8.98 7.92 1.95
C LEU B 252 9.97 7.98 0.78
N TYR B 253 9.69 8.86 -0.18
CA TYR B 253 10.59 9.00 -1.32
C TYR B 253 10.42 10.32 -2.02
N ALA B 254 11.42 10.72 -2.82
CA ALA B 254 11.26 11.97 -3.60
C ALA B 254 10.61 11.61 -4.92
N VAL B 255 9.80 12.50 -5.42
CA VAL B 255 9.11 12.27 -6.68
C VAL B 255 9.88 13.06 -7.71
N PHE B 256 10.90 12.48 -8.31
CA PHE B 256 11.80 13.28 -9.21
C PHE B 256 11.11 13.64 -10.53
N THR B 257 11.30 14.86 -10.98
CA THR B 257 10.98 15.24 -12.37
C THR B 257 12.18 14.84 -13.28
N LYS B 258 12.00 14.96 -14.61
CA LYS B 258 13.04 14.65 -15.51
C LYS B 258 14.24 15.58 -15.33
N GLU B 259 13.97 16.88 -15.11
CA GLU B 259 15.14 17.78 -14.94
CA GLU B 259 15.08 17.81 -14.90
C GLU B 259 15.87 17.41 -13.61
N GLU B 260 15.14 17.04 -12.58
CA GLU B 260 15.80 16.53 -11.37
C GLU B 260 16.61 15.21 -11.61
N ILE B 261 16.11 14.31 -12.46
CA ILE B 261 16.90 13.12 -12.70
C ILE B 261 18.25 13.57 -13.33
N ALA B 262 18.15 14.42 -14.35
CA ALA B 262 19.35 14.94 -15.02
C ALA B 262 20.34 15.56 -13.99
N HIS B 263 19.84 16.46 -13.14
CA HIS B 263 20.71 17.07 -12.17
C HIS B 263 21.34 16.07 -11.16
N TRP B 264 20.57 15.17 -10.60
CA TRP B 264 20.98 14.39 -9.42
C TRP B 264 21.78 13.22 -9.88
N PHE B 265 21.63 12.86 -11.16
CA PHE B 265 22.32 11.60 -11.63
C PHE B 265 23.39 11.72 -12.73
N LEU B 266 23.39 12.76 -13.51
CA LEU B 266 24.42 12.74 -14.59
C LEU B 266 25.80 12.90 -13.96
N PRO B 267 26.79 12.11 -14.40
CA PRO B 267 27.99 12.00 -13.60
C PRO B 267 28.83 13.27 -13.60
N ILE B 268 29.42 13.54 -12.46
CA ILE B 268 30.38 14.64 -12.32
C ILE B 268 31.51 14.00 -11.49
N GLU B 269 32.69 13.92 -12.09
CA GLU B 269 33.89 13.36 -11.45
CA GLU B 269 33.84 13.29 -11.41
C GLU B 269 34.05 13.84 -9.99
N ASN B 270 34.42 12.93 -9.10
CA ASN B 270 34.62 13.23 -7.66
C ASN B 270 33.40 13.84 -6.96
N VAL B 271 32.24 13.67 -7.61
CA VAL B 271 30.99 14.11 -6.95
C VAL B 271 29.90 12.98 -6.98
N ILE B 272 29.43 12.66 -8.21
CA ILE B 272 28.34 11.76 -8.37
C ILE B 272 28.64 10.82 -9.53
N TYR B 273 28.46 9.54 -9.24
CA TYR B 273 28.74 8.47 -10.24
C TYR B 273 27.42 7.69 -10.45
N THR B 274 26.99 7.60 -11.73
CA THR B 274 25.82 6.79 -12.03
C THR B 274 26.20 5.91 -13.15
N TYR B 275 25.79 4.64 -13.09
CA TYR B 275 26.07 3.71 -14.23
C TYR B 275 24.73 3.06 -14.55
N VAL B 276 24.57 2.68 -15.83
CA VAL B 276 23.30 2.16 -16.39
C VAL B 276 23.68 0.90 -17.20
N ASN B 277 22.72 0.00 -17.26
CA ASN B 277 22.72 -1.11 -18.27
C ASN B 277 21.60 -0.93 -19.24
N GLU B 278 21.94 -0.68 -20.49
CA GLU B 278 20.96 -0.41 -21.55
C GLU B 278 20.87 -1.67 -22.37
N GLU B 279 19.65 -2.20 -22.50
CA GLU B 279 19.41 -3.45 -23.26
CA GLU B 279 19.37 -3.43 -23.26
C GLU B 279 18.28 -3.10 -24.23
N ASN B 280 18.49 -3.35 -25.53
CA ASN B 280 17.54 -2.96 -26.61
CA ASN B 280 17.38 -3.06 -26.45
C ASN B 280 16.83 -1.64 -26.36
N GLY B 281 17.63 -0.60 -26.24
CA GLY B 281 17.12 0.78 -26.11
C GLY B 281 16.59 1.14 -24.72
N LYS B 282 16.63 0.21 -23.76
CA LYS B 282 15.93 0.48 -22.53
C LYS B 282 16.90 0.44 -21.38
N ILE B 283 16.72 1.34 -20.41
CA ILE B 283 17.63 1.31 -19.21
C ILE B 283 16.99 0.32 -18.26
N LYS B 284 17.67 -0.78 -17.98
CA LYS B 284 17.11 -1.85 -17.19
C LYS B 284 17.72 -1.97 -15.80
N ASP B 285 18.94 -1.42 -15.58
CA ASP B 285 19.53 -1.54 -14.23
C ASP B 285 20.29 -0.22 -14.02
N MET B 286 20.43 0.22 -12.75
CA MET B 286 21.27 1.43 -12.50
C MET B 286 21.94 1.28 -11.18
N ILE B 287 23.18 1.87 -11.09
CA ILE B 287 23.98 1.89 -9.87
C ILE B 287 24.35 3.39 -9.67
N SER B 288 24.22 3.91 -8.43
CA SER B 288 24.73 5.26 -8.16
C SER B 288 25.35 5.37 -6.79
N PHE B 289 26.41 6.20 -6.69
CA PHE B 289 26.97 6.51 -5.35
C PHE B 289 27.62 7.89 -5.47
N TYR B 290 27.69 8.66 -4.37
CA TYR B 290 28.32 9.97 -4.37
C TYR B 290 29.56 9.94 -3.56
N SER B 291 30.47 10.92 -3.83
CA SER B 291 31.76 10.94 -3.18
C SER B 291 31.64 11.88 -1.93
N LEU B 292 32.02 11.36 -0.76
CA LEU B 292 32.00 12.20 0.46
C LEU B 292 33.20 11.78 1.30
N PRO B 293 34.36 12.43 1.03
CA PRO B 293 35.56 12.10 1.77
C PRO B 293 35.47 12.54 3.23
N SER B 294 36.14 11.83 4.10
CA SER B 294 36.30 12.40 5.45
C SER B 294 37.76 12.80 5.62
N GLN B 295 37.96 14.02 6.16
CA GLN B 295 39.27 14.36 6.65
C GLN B 295 39.63 13.47 7.89
N ILE B 296 40.88 12.96 7.88
CA ILE B 296 41.34 12.10 8.98
C ILE B 296 42.20 12.97 9.92
N LEU B 297 41.78 13.03 11.16
CA LEU B 297 42.35 14.06 12.10
C LEU B 297 43.53 13.43 12.87
N GLY B 298 44.73 14.02 12.71
CA GLY B 298 45.93 13.61 13.45
C GLY B 298 46.67 12.37 13.00
N ASN B 299 46.67 12.06 11.69
CA ASN B 299 47.39 10.85 11.21
C ASN B 299 48.47 11.30 10.31
N ASP B 300 49.74 10.99 10.60
CA ASP B 300 50.83 11.57 9.72
C ASP B 300 50.86 10.92 8.37
N LYS B 301 50.24 9.73 8.26
CA LYS B 301 50.40 9.02 7.00
C LYS B 301 49.30 9.39 5.99
N TYR B 302 48.10 9.47 6.53
CA TYR B 302 46.92 9.68 5.67
C TYR B 302 46.09 10.90 6.19
N SER B 303 45.71 11.76 5.26
CA SER B 303 44.90 12.94 5.63
C SER B 303 43.43 12.80 5.21
N THR B 304 43.18 11.88 4.31
CA THR B 304 41.81 11.80 3.69
C THR B 304 41.41 10.32 3.59
N LEU B 305 40.14 10.03 3.91
CA LEU B 305 39.52 8.74 3.64
C LEU B 305 38.54 8.98 2.46
N ASN B 306 38.77 8.27 1.36
CA ASN B 306 37.87 8.44 0.25
C ASN B 306 36.75 7.47 0.36
N ALA B 307 35.52 7.96 0.40
CA ALA B 307 34.38 7.07 0.66
C ALA B 307 33.27 7.31 -0.37
N ALA B 308 32.78 6.21 -0.95
CA ALA B 308 31.61 6.22 -1.81
C ALA B 308 30.40 5.86 -0.95
N TYR B 309 29.36 6.67 -1.10
CA TYR B 309 28.02 6.46 -0.41
C TYR B 309 27.00 6.02 -1.37
N SER B 310 26.46 4.84 -1.11
CA SER B 310 25.39 4.31 -1.89
C SER B 310 24.25 5.32 -2.00
N PHE B 311 23.71 5.48 -3.22
CA PHE B 311 22.72 6.51 -3.47
C PHE B 311 21.42 5.79 -3.94
N TYR B 312 21.20 5.58 -5.25
CA TYR B 312 20.03 4.78 -5.67
C TYR B 312 20.45 3.69 -6.67
N ASN B 313 19.99 2.44 -6.38
CA ASN B 313 20.41 1.23 -7.14
C ASN B 313 19.16 0.42 -7.46
N VAL B 314 19.01 0.02 -8.72
CA VAL B 314 17.77 -0.68 -9.16
C VAL B 314 18.23 -1.76 -10.12
N THR B 315 17.70 -2.99 -9.96
CA THR B 315 18.01 -4.02 -10.96
C THR B 315 16.77 -4.73 -11.43
N THR B 316 16.66 -4.91 -12.75
CA THR B 316 15.67 -5.83 -13.32
C THR B 316 16.24 -6.97 -14.12
N THR B 317 17.57 -7.05 -14.25
CA THR B 317 18.21 -8.15 -15.06
C THR B 317 19.13 -9.02 -14.23
N ALA B 318 19.27 -8.73 -12.94
CA ALA B 318 20.20 -9.43 -12.01
C ALA B 318 19.61 -9.51 -10.65
N THR B 319 20.27 -10.17 -9.71
CA THR B 319 19.82 -10.10 -8.38
C THR B 319 20.34 -8.78 -7.68
N PHE B 320 19.65 -8.38 -6.61
CA PHE B 320 20.10 -7.15 -5.93
C PHE B 320 21.50 -7.37 -5.38
N LYS B 321 21.81 -8.58 -4.91
CA LYS B 321 23.15 -8.85 -4.48
C LYS B 321 24.17 -8.65 -5.59
N GLN B 322 23.95 -9.24 -6.77
CA GLN B 322 24.83 -9.09 -7.94
CA GLN B 322 24.83 -9.10 -7.94
C GLN B 322 24.99 -7.64 -8.29
N LEU B 323 23.90 -6.88 -8.18
CA LEU B 323 23.98 -5.46 -8.56
C LEU B 323 24.93 -4.71 -7.61
N MET B 324 24.72 -4.90 -6.31
CA MET B 324 25.51 -4.21 -5.25
C MET B 324 26.94 -4.69 -5.28
N GLN B 325 27.18 -5.92 -5.74
CA GLN B 325 28.53 -6.36 -5.88
C GLN B 325 29.20 -5.53 -7.00
N ASP B 326 28.48 -5.30 -8.06
CA ASP B 326 29.02 -4.46 -9.09
C ASP B 326 29.20 -3.02 -8.62
N ALA B 327 28.31 -2.56 -7.75
CA ALA B 327 28.43 -1.21 -7.23
C ALA B 327 29.75 -1.06 -6.44
N ILE B 328 30.02 -2.06 -5.60
CA ILE B 328 31.30 -2.08 -4.83
C ILE B 328 32.50 -2.11 -5.80
N LEU B 329 32.44 -2.91 -6.87
CA LEU B 329 33.61 -2.97 -7.76
C LEU B 329 33.73 -1.62 -8.50
N LEU B 330 32.63 -1.02 -8.90
CA LEU B 330 32.76 0.28 -9.62
C LEU B 330 33.33 1.38 -8.66
N ALA B 331 32.90 1.34 -7.41
CA ALA B 331 33.59 2.18 -6.36
C ALA B 331 35.11 1.83 -6.29
N LYS B 332 35.52 0.57 -6.33
CA LYS B 332 36.94 0.22 -6.18
C LYS B 332 37.67 0.79 -7.41
N ARG B 333 37.03 0.66 -8.61
CA ARG B 333 37.64 1.14 -9.85
C ARG B 333 37.84 2.65 -9.88
N ASN B 334 37.02 3.36 -9.14
CA ASN B 334 37.14 4.78 -8.98
C ASN B 334 37.96 5.23 -7.75
N ASN B 335 38.75 4.34 -7.15
CA ASN B 335 39.75 4.66 -6.17
C ASN B 335 39.13 5.00 -4.81
N PHE B 336 37.90 4.51 -4.50
CA PHE B 336 37.38 4.71 -3.11
C PHE B 336 37.91 3.67 -2.18
N ASP B 337 38.03 4.05 -0.92
CA ASP B 337 38.68 3.16 0.08
C ASP B 337 37.65 2.34 0.77
N VAL B 338 36.37 2.76 0.66
CA VAL B 338 35.30 2.15 1.49
C VAL B 338 33.94 2.55 0.81
N PHE B 339 32.95 1.68 0.97
CA PHE B 339 31.64 1.84 0.29
C PHE B 339 30.62 1.78 1.45
N ASN B 340 29.84 2.87 1.65
CA ASN B 340 28.99 3.06 2.81
C ASN B 340 27.53 2.99 2.40
N ALA B 341 26.76 2.25 3.18
CA ALA B 341 25.31 2.21 2.85
C ALA B 341 24.45 2.16 4.10
N LEU B 342 23.24 2.68 3.99
CA LEU B 342 22.24 2.61 5.05
C LEU B 342 21.33 1.41 4.82
N GLU B 343 20.69 0.93 5.88
CA GLU B 343 19.75 -0.22 5.78
C GLU B 343 18.45 0.33 5.29
N VAL B 344 18.48 1.06 4.19
CA VAL B 344 17.23 1.57 3.58
C VAL B 344 16.92 0.80 2.30
N MET B 345 15.72 0.92 1.76
CA MET B 345 15.38 0.21 0.48
C MET B 345 15.66 -1.29 0.68
N GLN B 346 16.26 -1.96 -0.31
CA GLN B 346 16.59 -3.41 -0.18
C GLN B 346 18.04 -3.65 0.34
N ASN B 347 18.70 -2.62 0.89
CA ASN B 347 20.12 -2.75 1.14
C ASN B 347 20.45 -3.79 2.22
N LYS B 348 19.67 -3.88 3.31
CA LYS B 348 20.13 -4.72 4.45
C LYS B 348 20.29 -6.18 3.97
N SER B 349 19.47 -6.55 2.98
CA SER B 349 19.40 -7.98 2.50
C SER B 349 20.75 -8.43 1.90
N VAL B 350 21.65 -7.51 1.52
CA VAL B 350 22.91 -7.93 0.90
C VAL B 350 24.09 -7.75 1.84
N PHE B 351 23.87 -7.13 2.96
CA PHE B 351 25.03 -6.71 3.83
C PHE B 351 25.87 -7.86 4.31
N GLU B 352 25.23 -8.96 4.75
CA GLU B 352 26.06 -10.03 5.30
C GLU B 352 26.84 -10.74 4.16
N ASP B 353 26.15 -11.11 3.07
CA ASP B 353 26.85 -11.81 1.95
C ASP B 353 27.92 -10.97 1.29
N LEU B 354 27.73 -9.64 1.29
CA LEU B 354 28.71 -8.76 0.63
C LEU B 354 29.77 -8.25 1.60
N LYS B 355 29.76 -8.75 2.84
CA LYS B 355 30.84 -8.51 3.82
C LYS B 355 30.89 -7.03 4.25
N PHE B 356 29.69 -6.44 4.38
CA PHE B 356 29.58 -5.16 5.05
C PHE B 356 29.68 -5.35 6.58
N GLY B 357 30.30 -4.42 7.33
CA GLY B 357 30.31 -4.49 8.78
C GLY B 357 29.35 -3.39 9.30
N GLU B 358 28.70 -3.69 10.41
CA GLU B 358 27.75 -2.76 11.00
C GLU B 358 28.58 -1.60 11.55
N GLY B 359 28.20 -0.34 11.27
CA GLY B 359 28.86 0.77 11.91
C GLY B 359 28.52 1.08 13.40
N ASP B 360 28.78 2.29 13.80
CA ASP B 360 28.63 2.71 15.22
CA ASP B 360 28.58 2.60 15.24
C ASP B 360 27.42 3.58 15.54
N GLY B 361 26.51 3.75 14.61
CA GLY B 361 25.35 4.54 14.90
C GLY B 361 24.40 4.60 13.73
N SER B 362 23.49 5.56 13.78
CA SER B 362 22.38 5.49 12.79
C SER B 362 21.98 6.89 12.32
N LEU B 363 21.31 6.92 11.15
CA LEU B 363 20.83 8.21 10.58
C LEU B 363 19.35 8.25 10.75
N LYS B 364 18.86 9.27 11.48
CA LYS B 364 17.41 9.41 11.72
C LYS B 364 16.76 10.33 10.64
N TYR B 365 15.56 9.95 10.20
CA TYR B 365 14.81 10.71 9.14
C TYR B 365 13.71 11.42 9.86
N TYR B 366 13.58 12.72 9.51
CA TYR B 366 12.64 13.56 10.17
C TYR B 366 11.77 14.29 9.18
N LEU B 367 10.54 14.61 9.56
CA LEU B 367 9.69 15.59 8.87
C LEU B 367 9.32 16.72 9.84
N TYR B 368 9.15 17.87 9.26
CA TYR B 368 8.73 19.11 9.99
C TYR B 368 7.35 19.40 9.56
N ASN B 369 6.52 19.60 10.57
CA ASN B 369 5.07 19.87 10.42
C ASN B 369 4.30 18.76 9.66
N TRP B 370 4.53 17.51 10.09
CA TRP B 370 3.86 16.37 9.48
C TRP B 370 3.76 15.28 10.52
N LYS B 371 2.52 14.84 10.73
CA LYS B 371 2.16 13.81 11.71
C LYS B 371 1.91 12.53 10.89
N CYS B 372 2.54 11.40 11.18
CA CYS B 372 2.27 10.11 10.49
C CYS B 372 2.89 8.96 11.32
N ALA B 373 2.55 7.73 10.94
CA ALA B 373 3.16 6.57 11.53
C ALA B 373 4.63 6.50 11.11
N SER B 374 5.44 6.02 12.08
CA SER B 374 6.85 5.72 11.84
C SER B 374 6.94 4.31 11.19
N PHE B 375 8.12 3.99 10.66
CA PHE B 375 8.22 2.72 9.93
C PHE B 375 9.70 2.27 9.89
N ALA B 376 9.89 0.94 9.70
CA ALA B 376 11.24 0.35 9.59
C ALA B 376 11.92 0.97 8.39
N PRO B 377 13.27 1.05 8.46
CA PRO B 377 14.00 1.83 7.41
C PRO B 377 13.94 1.10 6.00
N ALA B 378 13.62 -0.25 5.94
CA ALA B 378 13.44 -0.85 4.64
C ALA B 378 12.36 -0.12 3.81
N HIS B 379 11.48 0.60 4.53
CA HIS B 379 10.40 1.28 3.86
C HIS B 379 10.87 2.71 3.51
N VAL B 380 12.12 3.07 3.88
CA VAL B 380 12.60 4.42 3.44
C VAL B 380 13.16 4.30 2.05
N GLY B 381 12.76 5.19 1.16
CA GLY B 381 13.21 5.21 -0.28
C GLY B 381 13.85 6.53 -0.67
N ILE B 382 14.49 7.15 0.30
CA ILE B 382 15.20 8.44 0.02
C ILE B 382 16.54 8.44 0.75
N VAL B 383 17.53 8.99 0.07
CA VAL B 383 18.91 9.12 0.64
C VAL B 383 19.24 10.64 0.53
N LEU B 384 19.49 11.29 1.67
CA LEU B 384 19.90 12.73 1.68
CA LEU B 384 19.90 12.73 1.65
C LEU B 384 21.43 12.79 1.72
N LEU B 385 22.01 13.83 1.13
CA LEU B 385 23.49 13.92 1.02
C LEU B 385 24.21 14.25 2.33
N ASP C 2 -27.39 -14.94 -19.74
CA ASP C 2 -25.98 -15.03 -19.29
C ASP C 2 -24.99 -14.05 -20.00
N TYR C 3 -25.49 -12.90 -20.46
CA TYR C 3 -24.66 -11.75 -20.94
C TYR C 3 -23.57 -12.13 -21.98
N LYS C 4 -24.01 -12.69 -23.05
CA LYS C 4 -23.08 -13.07 -24.11
C LYS C 4 -22.39 -11.85 -24.73
N PHE C 5 -23.03 -10.68 -24.72
CA PHE C 5 -22.29 -9.48 -25.20
C PHE C 5 -21.40 -8.93 -24.06
N TRP C 6 -21.98 -8.63 -22.90
CA TRP C 6 -21.18 -8.04 -21.81
C TRP C 6 -19.98 -8.86 -21.37
N TYR C 7 -20.06 -10.20 -21.46
CA TYR C 7 -18.92 -11.21 -21.25
CA TYR C 7 -18.86 -10.93 -20.99
C TYR C 7 -17.65 -10.91 -22.03
N THR C 8 -17.86 -10.29 -23.20
N THR C 8 -17.86 -10.39 -23.26
CA THR C 8 -16.81 -10.01 -24.14
CA THR C 8 -16.74 -10.06 -24.12
C THR C 8 -16.21 -8.62 -23.95
C THR C 8 -16.03 -8.76 -23.73
N GLN C 9 -16.70 -7.93 -22.91
CA GLN C 9 -16.25 -6.53 -22.59
C GLN C 9 -15.44 -6.48 -21.30
N PRO C 10 -14.55 -5.49 -21.20
CA PRO C 10 -13.78 -5.25 -19.96
C PRO C 10 -14.65 -4.68 -18.77
N VAL C 11 -15.48 -5.56 -18.21
CA VAL C 11 -16.37 -5.27 -17.03
C VAL C 11 -16.32 -6.47 -16.13
N PRO C 12 -16.77 -6.33 -14.85
CA PRO C 12 -16.64 -7.52 -13.96
C PRO C 12 -17.62 -8.60 -14.42
N LYS C 13 -17.33 -9.87 -14.11
CA LYS C 13 -18.36 -10.92 -14.19
CA LYS C 13 -18.37 -10.88 -14.24
C LYS C 13 -19.38 -10.73 -13.09
N ILE C 14 -20.54 -11.35 -13.25
CA ILE C 14 -21.68 -11.07 -12.41
C ILE C 14 -21.50 -11.43 -10.92
N ASN C 15 -20.60 -12.37 -10.61
CA ASN C 15 -20.28 -12.68 -9.21
C ASN C 15 -18.96 -12.13 -8.65
N ASP C 16 -18.19 -11.39 -9.48
CA ASP C 16 -16.91 -10.81 -9.01
C ASP C 16 -17.07 -9.86 -7.81
N GLU C 17 -16.11 -9.92 -6.90
CA GLU C 17 -16.00 -8.92 -5.84
C GLU C 17 -14.53 -8.58 -5.69
N PHE C 18 -14.23 -7.36 -5.21
CA PHE C 18 -12.86 -6.91 -5.27
C PHE C 18 -12.56 -6.33 -3.91
N ASN C 19 -11.30 -6.41 -3.53
CA ASN C 19 -10.82 -5.92 -2.27
CA ASN C 19 -10.92 -5.91 -2.25
C ASN C 19 -10.70 -4.41 -2.29
N GLU C 20 -10.72 -3.82 -1.10
CA GLU C 20 -10.66 -2.34 -0.91
C GLU C 20 -9.51 -1.71 -1.66
N SER C 21 -8.40 -2.41 -1.76
CA SER C 21 -7.22 -1.89 -2.41
C SER C 21 -7.29 -1.81 -3.95
N VAL C 22 -8.06 -2.69 -4.57
CA VAL C 22 -8.08 -2.77 -6.07
C VAL C 22 -8.73 -1.52 -6.65
N ASN C 23 -8.06 -0.77 -7.54
CA ASN C 23 -8.75 0.39 -8.09
C ASN C 23 -8.01 0.72 -9.36
N GLU C 24 -8.34 -0.03 -10.44
CA GLU C 24 -7.56 0.10 -11.72
C GLU C 24 -8.35 -0.40 -12.90
N PRO C 25 -7.82 -0.23 -14.15
CA PRO C 25 -8.50 -0.77 -15.34
C PRO C 25 -8.47 -2.26 -15.43
N PHE C 26 -9.46 -2.83 -16.13
CA PHE C 26 -9.27 -4.20 -16.52
C PHE C 26 -8.19 -4.32 -17.56
N ILE C 27 -8.16 -3.41 -18.54
CA ILE C 27 -7.18 -3.42 -19.65
C ILE C 27 -6.46 -2.05 -19.66
N SER C 28 -5.13 -2.07 -19.50
CA SER C 28 -4.31 -0.84 -19.55
CA SER C 28 -4.35 -0.84 -19.56
C SER C 28 -3.41 -0.89 -20.76
N ASP C 29 -2.61 0.15 -20.93
CA ASP C 29 -1.68 0.28 -22.07
C ASP C 29 -2.41 0.28 -23.41
N ASN C 30 -3.55 0.98 -23.48
CA ASN C 30 -4.33 0.98 -24.70
C ASN C 30 -3.66 1.97 -25.64
N LYS C 31 -3.81 1.82 -26.94
CA LYS C 31 -3.19 2.73 -27.92
C LYS C 31 -4.19 3.26 -28.96
N VAL C 32 -4.34 4.58 -29.07
CA VAL C 32 -5.25 5.20 -30.02
C VAL C 32 -4.91 4.69 -31.39
N GLU C 33 -3.62 4.46 -31.68
CA GLU C 33 -3.24 4.14 -33.06
CA GLU C 33 -3.25 4.15 -33.04
C GLU C 33 -3.80 2.80 -33.43
N ASP C 34 -4.04 1.89 -32.46
CA ASP C 34 -4.60 0.55 -32.81
C ASP C 34 -6.16 0.48 -32.89
N VAL C 35 -6.84 1.56 -32.48
CA VAL C 35 -8.36 1.61 -32.47
C VAL C 35 -8.85 1.42 -33.89
N ARG C 36 -9.88 0.60 -34.00
CA ARG C 36 -10.53 0.41 -35.31
C ARG C 36 -10.93 1.75 -35.97
N LYS C 37 -10.57 1.92 -37.24
CA LYS C 37 -10.98 3.20 -37.91
C LYS C 37 -12.26 3.12 -38.66
N ASP C 38 -12.77 1.91 -38.90
CA ASP C 38 -14.06 1.65 -39.62
C ASP C 38 -15.25 1.61 -38.63
N GLU C 39 -16.33 2.23 -39.06
CA GLU C 39 -17.59 2.17 -38.24
C GLU C 39 -18.08 0.72 -38.22
N TYR C 40 -18.68 0.33 -37.11
CA TYR C 40 -19.30 -0.98 -36.97
C TYR C 40 -20.38 -1.17 -38.00
N LYS C 41 -20.58 -2.45 -38.36
CA LYS C 41 -21.55 -2.70 -39.43
C LYS C 41 -22.98 -2.80 -38.89
N LEU C 42 -23.89 -2.19 -39.65
CA LEU C 42 -25.36 -2.21 -39.36
C LEU C 42 -26.03 -3.12 -40.42
N PRO C 43 -27.21 -3.63 -40.13
CA PRO C 43 -27.98 -4.42 -41.06
C PRO C 43 -28.35 -3.60 -42.33
N PRO C 44 -28.74 -4.31 -43.41
CA PRO C 44 -29.01 -3.67 -44.67
C PRO C 44 -30.12 -2.68 -44.56
N GLY C 45 -29.79 -1.49 -45.09
CA GLY C 45 -30.75 -0.37 -45.10
C GLY C 45 -30.68 0.54 -43.90
N TYR C 46 -29.79 0.25 -42.96
CA TYR C 46 -29.60 1.11 -41.84
C TYR C 46 -28.27 1.84 -41.94
N SER C 47 -28.25 3.11 -41.53
CA SER C 47 -27.08 3.97 -41.66
CA SER C 47 -27.03 3.91 -41.62
C SER C 47 -26.73 4.75 -40.39
N TRP C 48 -25.45 4.93 -40.11
CA TRP C 48 -25.03 5.81 -39.04
C TRP C 48 -25.34 7.24 -39.50
N TYR C 49 -25.64 8.09 -38.50
CA TYR C 49 -26.02 9.45 -38.81
C TYR C 49 -25.28 10.36 -37.85
N VAL C 50 -24.75 11.52 -38.36
CA VAL C 50 -24.08 12.48 -37.42
C VAL C 50 -25.13 13.40 -36.89
N CYS C 51 -25.51 13.23 -35.64
CA CYS C 51 -26.60 14.14 -35.12
C CYS C 51 -25.93 15.41 -34.66
N ASP C 52 -26.40 16.54 -35.14
CA ASP C 52 -25.97 17.88 -34.72
C ASP C 52 -27.00 18.45 -33.76
N VAL C 53 -26.81 18.27 -32.44
N VAL C 53 -26.70 18.30 -32.46
CA VAL C 53 -27.85 18.65 -31.51
CA VAL C 53 -27.60 18.60 -31.37
C VAL C 53 -28.07 20.17 -31.50
C VAL C 53 -27.90 20.11 -31.25
N LYS C 54 -27.04 20.96 -31.85
CA LYS C 54 -27.31 22.42 -31.99
C LYS C 54 -28.20 22.78 -33.19
N ASP C 55 -28.38 21.85 -34.13
CA ASP C 55 -29.33 22.03 -35.19
C ASP C 55 -30.75 21.72 -34.76
N GLU C 56 -31.69 22.67 -34.95
CA GLU C 56 -33.01 22.47 -34.35
CA GLU C 56 -33.06 22.52 -34.42
C GLU C 56 -33.72 21.28 -35.00
N LYS C 57 -33.50 21.06 -36.29
CA LYS C 57 -34.04 19.89 -36.94
C LYS C 57 -33.48 18.45 -36.45
N ASP C 58 -32.19 18.30 -36.35
CA ASP C 58 -31.64 17.02 -35.85
C ASP C 58 -32.13 16.87 -34.41
N ARG C 59 -32.14 18.00 -33.67
CA ARG C 59 -32.51 17.93 -32.27
C ARG C 59 -33.98 17.43 -32.09
N SER C 60 -34.89 17.96 -32.91
CA SER C 60 -36.32 17.48 -32.85
C SER C 60 -36.40 16.01 -33.21
N GLU C 61 -35.52 15.48 -34.07
CA GLU C 61 -35.61 14.09 -34.47
CA GLU C 61 -35.74 14.10 -34.40
C GLU C 61 -35.18 13.21 -33.29
N ILE C 62 -34.16 13.68 -32.53
CA ILE C 62 -33.76 12.94 -31.32
C ILE C 62 -34.93 13.03 -30.34
N TYR C 63 -35.42 14.24 -30.12
CA TYR C 63 -36.57 14.44 -29.22
C TYR C 63 -37.73 13.47 -29.49
N THR C 64 -38.15 13.39 -30.75
CA THR C 64 -39.21 12.39 -31.08
C THR C 64 -38.83 10.91 -30.89
N LEU C 65 -37.62 10.53 -31.29
CA LEU C 65 -37.18 9.14 -31.05
C LEU C 65 -37.36 8.79 -29.55
N LEU C 66 -36.85 9.66 -28.65
CA LEU C 66 -36.93 9.38 -27.23
C LEU C 66 -38.37 9.47 -26.65
N THR C 67 -39.13 10.42 -27.14
CA THR C 67 -40.47 10.64 -26.61
C THR C 67 -41.23 9.38 -26.90
N ASP C 68 -41.05 8.79 -28.09
CA ASP C 68 -41.80 7.56 -28.47
C ASP C 68 -41.21 6.23 -27.95
N ASN C 69 -39.92 6.18 -27.72
CA ASN C 69 -39.20 4.90 -27.56
C ASN C 69 -38.32 4.79 -26.36
N TYR C 70 -38.21 5.83 -25.52
CA TYR C 70 -37.27 5.74 -24.39
C TYR C 70 -37.83 5.01 -23.14
N VAL C 71 -37.24 5.19 -21.96
CA VAL C 71 -37.46 4.30 -20.79
C VAL C 71 -38.92 4.43 -20.29
N GLU C 72 -39.53 3.27 -20.06
CA GLU C 72 -40.83 3.12 -19.37
C GLU C 72 -40.63 2.42 -18.02
N ASP C 73 -41.53 2.68 -17.07
CA ASP C 73 -41.49 1.91 -15.85
C ASP C 73 -41.85 0.44 -16.18
N ASP C 74 -41.60 -0.43 -15.20
CA ASP C 74 -41.86 -1.89 -15.38
C ASP C 74 -43.32 -2.23 -15.73
N ASP C 75 -44.26 -1.39 -15.34
CA ASP C 75 -45.66 -1.61 -15.73
C ASP C 75 -46.16 -0.81 -16.95
N ASN C 76 -45.26 -0.15 -17.66
CA ASN C 76 -45.68 0.54 -18.87
C ASN C 76 -46.78 1.54 -18.65
N ILE C 77 -46.69 2.33 -17.59
CA ILE C 77 -47.68 3.41 -17.42
CA ILE C 77 -47.63 3.42 -17.26
C ILE C 77 -47.07 4.79 -17.68
N PHE C 78 -45.74 4.94 -17.50
CA PHE C 78 -45.08 6.20 -17.83
C PHE C 78 -43.88 6.00 -18.76
N ARG C 79 -43.63 7.03 -19.58
CA ARG C 79 -42.41 7.03 -20.43
C ARG C 79 -41.69 8.37 -20.27
N PHE C 80 -40.40 8.35 -19.97
CA PHE C 80 -39.71 9.66 -19.87
C PHE C 80 -39.93 10.48 -21.13
N ASN C 81 -40.05 11.79 -20.95
CA ASN C 81 -40.25 12.73 -22.01
C ASN C 81 -39.32 13.96 -21.86
N TYR C 82 -38.01 13.70 -21.95
CA TYR C 82 -37.02 14.76 -21.98
C TYR C 82 -37.37 15.80 -23.07
N SER C 83 -37.32 17.11 -22.72
CA SER C 83 -37.69 18.12 -23.68
C SER C 83 -36.55 18.27 -24.71
N ALA C 84 -36.82 18.87 -25.86
CA ALA C 84 -35.72 19.24 -26.80
C ALA C 84 -34.71 20.17 -26.14
N GLU C 85 -35.16 21.15 -25.34
CA GLU C 85 -34.23 22.08 -24.70
C GLU C 85 -33.36 21.38 -23.66
N PHE C 86 -33.92 20.37 -22.98
CA PHE C 86 -33.19 19.63 -22.01
C PHE C 86 -32.11 18.86 -22.72
N LEU C 87 -32.46 18.21 -23.85
CA LEU C 87 -31.44 17.44 -24.62
C LEU C 87 -30.30 18.36 -25.11
N LEU C 88 -30.61 19.62 -25.48
CA LEU C 88 -29.56 20.61 -25.87
C LEU C 88 -28.58 20.83 -24.72
N TRP C 89 -29.10 21.04 -23.50
CA TRP C 89 -28.30 21.25 -22.31
C TRP C 89 -27.48 20.01 -21.90
N ALA C 90 -28.13 18.82 -21.92
CA ALA C 90 -27.47 17.55 -21.51
C ALA C 90 -26.27 17.14 -22.39
N LEU C 91 -26.33 17.54 -23.65
CA LEU C 91 -25.40 16.98 -24.63
C LEU C 91 -24.33 17.99 -25.07
N THR C 92 -24.44 19.26 -24.72
CA THR C 92 -23.48 20.23 -25.21
C THR C 92 -22.70 20.87 -24.10
N SER C 93 -22.34 20.06 -23.08
CA SER C 93 -21.51 20.51 -21.95
C SER C 93 -20.10 20.82 -22.40
N PRO C 94 -19.25 21.37 -21.53
CA PRO C 94 -17.93 21.83 -21.99
C PRO C 94 -17.10 20.72 -22.59
N ASN C 95 -16.48 21.07 -23.72
CA ASN C 95 -15.58 20.18 -24.44
C ASN C 95 -16.28 18.94 -25.04
N TYR C 96 -17.58 19.06 -25.19
CA TYR C 96 -18.30 17.92 -25.74
C TYR C 96 -17.81 17.58 -27.19
N LEU C 97 -17.94 16.30 -27.58
CA LEU C 97 -17.49 15.87 -28.89
C LEU C 97 -18.70 15.62 -29.76
N LYS C 98 -18.73 16.24 -30.92
CA LYS C 98 -19.81 16.05 -31.87
CA LYS C 98 -19.86 15.97 -31.79
C LYS C 98 -19.89 14.55 -32.36
N THR C 99 -18.75 13.88 -32.36
CA THR C 99 -18.63 12.53 -32.83
C THR C 99 -19.31 11.54 -31.85
N TRP C 100 -19.60 12.00 -30.61
CA TRP C 100 -20.22 11.10 -29.62
C TRP C 100 -21.74 11.36 -29.48
N HIS C 101 -22.35 12.02 -30.45
CA HIS C 101 -23.83 12.13 -30.58
C HIS C 101 -24.22 11.30 -31.82
N ILE C 102 -24.58 10.05 -31.54
CA ILE C 102 -24.65 9.01 -32.63
C ILE C 102 -26.07 8.56 -32.94
N GLY C 103 -26.53 8.80 -34.16
CA GLY C 103 -27.83 8.35 -34.57
C GLY C 103 -27.71 7.14 -35.52
N VAL C 104 -28.81 6.38 -35.63
CA VAL C 104 -28.91 5.38 -36.70
C VAL C 104 -30.22 5.66 -37.38
N LYS C 105 -30.14 5.79 -38.69
CA LYS C 105 -31.34 6.10 -39.49
C LYS C 105 -31.76 4.82 -40.23
N TYR C 106 -33.06 4.73 -40.52
CA TYR C 106 -33.54 3.73 -41.51
C TYR C 106 -33.59 4.39 -42.87
N ASP C 107 -32.84 3.86 -43.85
CA ASP C 107 -32.70 4.61 -45.12
C ASP C 107 -34.04 4.78 -45.88
N ALA C 108 -34.93 3.80 -45.75
CA ALA C 108 -36.27 3.82 -46.45
C ALA C 108 -37.07 5.03 -46.03
N SER C 109 -36.97 5.39 -44.74
CA SER C 109 -37.79 6.54 -44.18
C SER C 109 -37.02 7.79 -43.83
N ASN C 110 -35.70 7.71 -43.85
CA ASN C 110 -34.90 8.84 -43.36
C ASN C 110 -35.34 9.25 -41.90
N LYS C 111 -35.76 8.26 -41.13
CA LYS C 111 -36.06 8.57 -39.73
C LYS C 111 -35.04 7.93 -38.78
N LEU C 112 -34.82 8.56 -37.65
CA LEU C 112 -33.95 7.92 -36.60
C LEU C 112 -34.63 6.74 -35.99
N ILE C 113 -33.94 5.61 -35.90
CA ILE C 113 -34.45 4.41 -35.19
C ILE C 113 -33.53 4.02 -34.05
N GLY C 114 -32.45 4.80 -33.86
CA GLY C 114 -31.52 4.50 -32.75
C GLY C 114 -30.70 5.71 -32.44
N PHE C 115 -30.17 5.73 -31.23
CA PHE C 115 -29.36 6.85 -30.73
C PHE C 115 -28.55 6.36 -29.53
N ILE C 116 -27.31 6.88 -29.42
CA ILE C 116 -26.55 6.76 -28.18
C ILE C 116 -25.74 8.01 -28.04
N SER C 117 -25.39 8.41 -26.82
CA SER C 117 -24.56 9.67 -26.70
C SER C 117 -23.54 9.45 -25.55
N ALA C 118 -22.52 10.31 -25.52
CA ALA C 118 -21.62 10.41 -24.41
C ALA C 118 -21.13 11.86 -24.35
N ILE C 119 -20.71 12.27 -23.11
CA ILE C 119 -20.03 13.57 -22.93
C ILE C 119 -18.85 13.28 -22.06
N PRO C 120 -17.82 14.13 -22.19
CA PRO C 120 -16.60 13.84 -21.41
C PRO C 120 -16.61 14.46 -20.04
N THR C 121 -16.14 13.75 -19.01
CA THR C 121 -15.83 14.53 -17.77
C THR C 121 -14.87 13.76 -16.88
N ASP C 122 -14.37 14.40 -15.84
CA ASP C 122 -13.34 13.77 -15.03
C ASP C 122 -14.10 13.14 -13.88
N ILE C 123 -13.92 11.82 -13.66
CA ILE C 123 -14.62 11.08 -12.62
C ILE C 123 -13.55 10.62 -11.61
N CYS C 124 -13.84 10.86 -10.33
CA CYS C 124 -12.98 10.42 -9.21
C CYS C 124 -13.63 9.21 -8.63
N ILE C 125 -12.94 8.06 -8.78
CA ILE C 125 -13.42 6.80 -8.24
C ILE C 125 -12.45 6.30 -7.17
N HIS C 126 -12.93 6.06 -5.95
CA HIS C 126 -12.02 5.73 -4.82
C HIS C 126 -10.76 6.59 -4.79
N LYS C 127 -10.95 7.91 -4.94
CA LYS C 127 -9.88 8.88 -4.84
C LYS C 127 -8.97 9.00 -6.02
N ARG C 128 -9.22 8.24 -7.10
CA ARG C 128 -8.40 8.36 -8.27
C ARG C 128 -9.19 9.04 -9.38
N THR C 129 -8.67 10.09 -9.96
CA THR C 129 -9.43 10.87 -10.99
C THR C 129 -9.05 10.46 -12.38
N ILE C 130 -10.02 9.95 -13.14
CA ILE C 130 -9.81 9.39 -14.49
C ILE C 130 -10.69 10.19 -15.52
N LYS C 131 -10.14 10.53 -16.70
CA LYS C 131 -11.00 11.07 -17.75
C LYS C 131 -11.96 9.97 -18.27
N MET C 132 -13.30 10.19 -18.22
CA MET C 132 -14.24 9.18 -18.70
C MET C 132 -15.27 9.80 -19.63
N ALA C 133 -15.89 8.93 -20.41
CA ALA C 133 -17.15 9.28 -21.06
C ALA C 133 -18.31 8.96 -20.15
N GLU C 134 -19.31 9.84 -20.09
CA GLU C 134 -20.58 9.58 -19.43
CA GLU C 134 -20.59 9.57 -19.43
C GLU C 134 -21.61 9.23 -20.51
N VAL C 135 -22.02 7.98 -20.54
CA VAL C 135 -22.89 7.46 -21.62
C VAL C 135 -24.37 7.54 -21.22
N ASN C 136 -25.20 8.07 -22.12
CA ASN C 136 -26.60 8.24 -21.80
C ASN C 136 -27.44 8.28 -23.11
N PHE C 137 -28.71 8.04 -22.91
CA PHE C 137 -29.68 8.20 -24.02
C PHE C 137 -29.59 7.06 -25.01
N LEU C 138 -29.06 5.91 -24.58
CA LEU C 138 -29.15 4.69 -25.46
C LEU C 138 -30.64 4.33 -25.81
N CYS C 139 -31.04 4.25 -27.11
CA CYS C 139 -32.43 4.01 -27.42
C CYS C 139 -32.51 3.29 -28.76
N VAL C 140 -33.24 2.17 -28.81
CA VAL C 140 -33.57 1.53 -30.10
C VAL C 140 -35.13 1.60 -30.22
N HIS C 141 -35.60 1.88 -31.42
CA HIS C 141 -37.03 1.94 -31.67
C HIS C 141 -37.74 0.67 -31.18
N LYS C 142 -38.97 0.83 -30.64
CA LYS C 142 -39.75 -0.28 -30.12
C LYS C 142 -39.96 -1.40 -31.09
N THR C 143 -40.03 -1.04 -32.38
CA THR C 143 -40.21 -2.04 -33.45
C THR C 143 -38.95 -2.85 -33.83
N LEU C 144 -37.79 -2.46 -33.33
CA LEU C 144 -36.55 -3.12 -33.62
C LEU C 144 -35.88 -3.72 -32.38
N ARG C 145 -36.64 -4.02 -31.33
CA ARG C 145 -36.07 -4.54 -30.12
C ARG C 145 -35.62 -6.03 -30.19
N SER C 146 -34.67 -6.43 -29.34
CA SER C 146 -34.10 -7.77 -29.30
C SER C 146 -33.49 -8.28 -30.62
N LYS C 147 -32.93 -7.35 -31.40
CA LYS C 147 -32.23 -7.68 -32.66
C LYS C 147 -30.74 -7.48 -32.54
N ARG C 148 -30.24 -7.32 -31.29
CA ARG C 148 -28.80 -7.11 -31.01
C ARG C 148 -28.32 -5.79 -31.68
N LEU C 149 -29.21 -4.76 -31.82
CA LEU C 149 -28.69 -3.45 -32.25
C LEU C 149 -27.99 -2.74 -31.12
N ALA C 150 -28.41 -2.96 -29.88
CA ALA C 150 -27.80 -2.18 -28.76
C ALA C 150 -26.28 -2.42 -28.62
N PRO C 151 -25.82 -3.66 -28.79
CA PRO C 151 -24.31 -3.89 -28.72
C PRO C 151 -23.56 -3.17 -29.87
N VAL C 152 -24.23 -2.99 -30.99
CA VAL C 152 -23.60 -2.32 -32.17
C VAL C 152 -23.38 -0.80 -31.79
N LEU C 153 -24.44 -0.17 -31.26
CA LEU C 153 -24.33 1.23 -30.80
C LEU C 153 -23.28 1.35 -29.68
N ILE C 154 -23.21 0.36 -28.81
CA ILE C 154 -22.28 0.42 -27.68
C ILE C 154 -20.83 0.27 -28.19
N LYS C 155 -20.60 -0.69 -29.05
CA LYS C 155 -19.25 -0.89 -29.63
C LYS C 155 -18.83 0.31 -30.51
N GLU C 156 -19.77 0.90 -31.24
CA GLU C 156 -19.44 2.05 -32.07
C GLU C 156 -19.12 3.30 -31.16
N ILE C 157 -19.96 3.61 -30.17
CA ILE C 157 -19.51 4.69 -29.27
C ILE C 157 -18.19 4.42 -28.55
N THR C 158 -17.96 3.18 -28.08
CA THR C 158 -16.70 2.88 -27.42
C THR C 158 -15.51 3.21 -28.38
N ARG C 159 -15.72 2.80 -29.65
CA ARG C 159 -14.62 3.04 -30.66
C ARG C 159 -14.39 4.59 -30.72
N ARG C 160 -15.43 5.42 -30.85
CA ARG C 160 -15.20 6.88 -30.99
C ARG C 160 -14.65 7.59 -29.75
N ILE C 161 -14.95 6.99 -28.59
CA ILE C 161 -14.42 7.47 -27.31
C ILE C 161 -12.94 7.08 -27.26
N ASN C 162 -12.61 5.84 -27.67
CA ASN C 162 -11.20 5.45 -27.60
C ASN C 162 -10.37 6.33 -28.53
N LEU C 163 -10.94 6.84 -29.65
CA LEU C 163 -10.20 7.76 -30.55
C LEU C 163 -9.79 9.12 -29.88
N GLU C 164 -10.37 9.37 -28.72
CA GLU C 164 -9.98 10.49 -27.91
C GLU C 164 -9.07 10.04 -26.79
N ASN C 165 -8.56 8.80 -26.84
CA ASN C 165 -7.61 8.35 -25.80
C ASN C 165 -8.27 8.21 -24.43
N ILE C 166 -9.56 7.86 -24.47
CA ILE C 166 -10.35 7.70 -23.27
C ILE C 166 -10.83 6.25 -23.24
N TRP C 167 -10.59 5.60 -22.10
CA TRP C 167 -10.66 4.11 -22.06
C TRP C 167 -11.58 3.65 -20.93
N GLN C 168 -12.20 4.60 -20.22
CA GLN C 168 -13.19 4.29 -19.16
C GLN C 168 -14.52 5.00 -19.42
N ALA C 169 -15.65 4.48 -18.91
CA ALA C 169 -16.91 5.24 -18.99
C ALA C 169 -17.71 5.06 -17.70
N ILE C 170 -18.67 5.95 -17.49
CA ILE C 170 -19.61 5.76 -16.40
C ILE C 170 -20.95 5.77 -17.05
N TYR C 171 -21.86 4.95 -16.51
CA TYR C 171 -23.21 4.88 -17.02
C TYR C 171 -24.13 4.37 -15.90
N THR C 172 -25.41 4.61 -16.04
CA THR C 172 -26.45 4.16 -15.11
C THR C 172 -27.55 3.42 -15.89
N ALA C 173 -28.27 2.53 -15.24
CA ALA C 173 -29.48 1.99 -15.80
C ALA C 173 -30.28 1.40 -14.70
N GLY C 174 -31.58 1.26 -15.00
CA GLY C 174 -32.53 0.54 -14.12
C GLY C 174 -32.34 -0.99 -14.16
N VAL C 175 -31.85 -1.51 -15.27
CA VAL C 175 -31.63 -2.96 -15.37
C VAL C 175 -30.30 -3.47 -14.75
N TYR C 176 -30.33 -4.72 -14.28
CA TYR C 176 -29.18 -5.37 -13.62
C TYR C 176 -28.22 -5.97 -14.68
N LEU C 177 -27.01 -5.45 -14.77
CA LEU C 177 -25.99 -5.83 -15.75
C LEU C 177 -24.72 -6.15 -15.03
N PRO C 178 -23.72 -6.80 -15.69
CA PRO C 178 -22.41 -6.97 -15.03
C PRO C 178 -21.60 -5.70 -15.03
N LYS C 179 -21.22 -5.13 -13.86
CA LYS C 179 -21.84 -5.42 -12.52
C LYS C 179 -21.90 -4.09 -11.79
N PRO C 180 -23.04 -3.81 -11.11
CA PRO C 180 -22.95 -2.47 -10.43
C PRO C 180 -21.78 -2.19 -9.48
N VAL C 181 -21.33 -0.94 -9.49
CA VAL C 181 -20.42 -0.43 -8.47
CA VAL C 181 -20.40 -0.45 -8.50
C VAL C 181 -21.21 0.05 -7.29
N SER C 182 -22.46 0.37 -7.52
CA SER C 182 -23.39 0.79 -6.47
C SER C 182 -24.80 0.74 -6.98
N ASP C 183 -25.78 0.53 -6.07
CA ASP C 183 -27.17 0.42 -6.41
C ASP C 183 -27.95 1.42 -5.53
N ALA C 184 -28.80 2.25 -6.17
CA ALA C 184 -29.53 3.27 -5.43
C ALA C 184 -31.00 3.20 -5.68
N ARG C 185 -31.76 2.88 -4.58
CA ARG C 185 -33.18 2.98 -4.68
C ARG C 185 -33.66 4.38 -4.89
N TYR C 186 -34.74 4.55 -5.68
CA TYR C 186 -35.34 5.88 -5.77
C TYR C 186 -36.61 5.97 -4.93
N TYR C 187 -36.87 7.21 -4.49
CA TYR C 187 -37.96 7.60 -3.56
C TYR C 187 -38.71 8.80 -4.09
N HIS C 188 -40.00 8.96 -3.77
CA HIS C 188 -40.82 10.01 -4.39
C HIS C 188 -41.53 10.81 -3.29
N ARG C 189 -41.51 12.14 -3.40
N ARG C 189 -41.51 12.13 -3.36
CA ARG C 189 -42.29 13.00 -2.53
CA ARG C 189 -42.33 12.91 -2.44
C ARG C 189 -43.47 13.53 -3.30
C ARG C 189 -43.45 13.53 -3.23
N SER C 190 -44.72 13.14 -2.94
CA SER C 190 -45.91 13.70 -3.69
C SER C 190 -46.15 15.11 -3.36
N ILE C 191 -46.38 15.92 -4.39
CA ILE C 191 -46.69 17.33 -4.26
C ILE C 191 -48.17 17.43 -4.70
N ASN C 192 -48.53 17.07 -5.93
CA ASN C 192 -49.92 17.16 -6.37
CA ASN C 192 -49.92 17.18 -6.35
C ASN C 192 -50.53 15.80 -6.13
N VAL C 193 -50.98 15.59 -4.88
CA VAL C 193 -51.39 14.31 -4.38
C VAL C 193 -52.59 13.84 -5.18
N LYS C 194 -53.51 14.74 -5.52
CA LYS C 194 -54.75 14.33 -6.21
C LYS C 194 -54.33 13.62 -7.53
N LYS C 195 -53.42 14.25 -8.30
CA LYS C 195 -53.11 13.71 -9.62
C LYS C 195 -52.30 12.46 -9.55
N LEU C 196 -51.38 12.36 -8.58
CA LEU C 196 -50.56 11.13 -8.44
C LEU C 196 -51.42 9.90 -8.14
N ILE C 197 -52.46 10.13 -7.32
CA ILE C 197 -53.46 9.08 -7.06
CA ILE C 197 -53.46 9.08 -7.05
C ILE C 197 -54.26 8.74 -8.32
N GLU C 198 -54.84 9.74 -9.01
CA GLU C 198 -55.60 9.48 -10.28
C GLU C 198 -54.81 8.55 -11.28
N ILE C 199 -53.52 8.84 -11.47
CA ILE C 199 -52.73 8.22 -12.56
C ILE C 199 -52.05 6.91 -12.13
N GLY C 200 -52.16 6.50 -10.87
CA GLY C 200 -51.45 5.25 -10.42
C GLY C 200 -49.91 5.24 -10.23
N PHE C 201 -49.36 6.38 -9.84
CA PHE C 201 -47.97 6.50 -9.45
C PHE C 201 -47.60 5.66 -8.17
N SER C 202 -48.62 5.21 -7.41
CA SER C 202 -48.46 4.44 -6.14
C SER C 202 -47.95 5.24 -4.96
N VAL C 219 -48.27 21.87 2.53
CA VAL C 219 -46.89 22.30 2.88
C VAL C 219 -46.92 23.79 3.18
N GLU C 220 -46.16 24.22 4.16
CA GLU C 220 -46.09 25.67 4.43
C GLU C 220 -45.26 26.38 3.31
N ASP C 221 -45.81 27.48 2.76
CA ASP C 221 -45.16 28.27 1.71
C ASP C 221 -44.14 29.25 2.25
N THR C 222 -43.34 28.83 3.20
CA THR C 222 -42.21 29.65 3.71
C THR C 222 -40.97 28.84 3.76
N LEU C 223 -39.90 29.35 3.19
CA LEU C 223 -38.56 28.70 3.23
C LEU C 223 -37.96 28.75 4.62
N ASN C 224 -37.41 27.63 5.04
CA ASN C 224 -36.46 27.65 6.16
C ASN C 224 -35.26 28.57 5.94
N ILE C 225 -34.80 28.65 4.69
CA ILE C 225 -33.58 29.41 4.41
C ILE C 225 -34.08 30.63 3.61
N LYS C 226 -34.36 31.74 4.34
CA LYS C 226 -35.23 32.74 3.75
C LYS C 226 -34.68 33.31 2.44
N ASN C 227 -33.32 33.40 2.33
CA ASN C 227 -32.73 34.10 1.19
C ASN C 227 -32.37 33.19 -0.02
N MET C 228 -32.81 31.93 0.00
CA MET C 228 -32.58 30.99 -1.10
CA MET C 228 -32.55 31.01 -1.13
C MET C 228 -33.12 31.63 -2.40
N ARG C 229 -32.26 31.74 -3.42
CA ARG C 229 -32.67 32.50 -4.61
C ARG C 229 -32.03 31.88 -5.86
N LEU C 230 -32.65 32.07 -7.01
CA LEU C 230 -32.05 31.52 -8.25
C LEU C 230 -30.59 31.96 -8.40
N MET C 231 -29.78 31.00 -8.81
CA MET C 231 -28.36 31.19 -9.09
C MET C 231 -28.16 32.15 -10.26
N LYS C 232 -27.14 33.00 -10.10
N LYS C 232 -27.15 33.01 -10.12
CA LYS C 232 -26.69 33.98 -11.11
CA LYS C 232 -26.74 33.97 -11.15
C LYS C 232 -25.27 33.68 -11.55
C LYS C 232 -25.29 33.73 -11.52
N LYS C 233 -24.85 34.25 -12.69
CA LYS C 233 -23.44 34.10 -13.13
C LYS C 233 -22.44 34.45 -12.05
N LYS C 234 -22.73 35.52 -11.29
CA LYS C 234 -21.74 35.97 -10.29
C LYS C 234 -21.50 34.90 -9.23
N ASP C 235 -22.44 33.94 -9.10
CA ASP C 235 -22.36 32.86 -8.06
C ASP C 235 -21.54 31.64 -8.47
N VAL C 236 -21.09 31.62 -9.72
CA VAL C 236 -20.36 30.42 -10.24
C VAL C 236 -19.17 30.03 -9.35
N GLU C 237 -18.26 31.00 -9.01
CA GLU C 237 -17.10 30.68 -8.22
CA GLU C 237 -17.07 30.66 -8.23
C GLU C 237 -17.49 30.10 -6.87
N GLY C 238 -18.51 30.68 -6.25
CA GLY C 238 -18.94 30.24 -4.95
C GLY C 238 -19.55 28.83 -4.93
N VAL C 239 -20.38 28.59 -5.90
CA VAL C 239 -20.97 27.22 -6.08
C VAL C 239 -19.83 26.17 -6.34
N HIS C 240 -18.90 26.55 -7.19
CA HIS C 240 -17.75 25.72 -7.53
C HIS C 240 -17.00 25.34 -6.22
N LYS C 241 -16.79 26.32 -5.30
CA LYS C 241 -16.06 26.05 -4.07
CA LYS C 241 -16.02 25.99 -4.11
C LYS C 241 -16.87 25.17 -3.15
N LEU C 242 -18.16 25.53 -3.00
CA LEU C 242 -19.00 24.83 -2.03
C LEU C 242 -19.25 23.38 -2.52
N LEU C 243 -19.63 23.23 -3.78
CA LEU C 243 -19.93 21.80 -4.25
C LEU C 243 -18.64 21.02 -4.33
N GLY C 244 -17.60 21.64 -4.90
CA GLY C 244 -16.33 20.94 -5.05
C GLY C 244 -15.78 20.39 -3.74
N SER C 245 -15.74 21.24 -2.68
CA SER C 245 -15.31 20.71 -1.39
CA SER C 245 -15.37 20.76 -1.35
C SER C 245 -16.30 19.63 -0.85
N TYR C 246 -17.61 19.82 -1.04
CA TYR C 246 -18.61 18.83 -0.54
C TYR C 246 -18.41 17.47 -1.20
N LEU C 247 -18.15 17.48 -2.50
CA LEU C 247 -18.10 16.16 -3.20
C LEU C 247 -16.86 15.29 -2.88
N GLU C 248 -15.77 15.91 -2.39
CA GLU C 248 -14.57 15.16 -2.03
C GLU C 248 -14.73 13.94 -1.12
N GLN C 249 -15.76 13.95 -0.30
CA GLN C 249 -15.99 12.92 0.70
C GLN C 249 -16.42 11.59 0.06
N PHE C 250 -16.98 11.65 -1.15
CA PHE C 250 -17.66 10.47 -1.73
C PHE C 250 -16.69 9.59 -2.51
N ASN C 251 -17.15 8.36 -2.74
CA ASN C 251 -16.36 7.39 -3.39
CA ASN C 251 -16.38 7.32 -3.37
C ASN C 251 -16.47 7.43 -4.90
N LEU C 252 -17.37 8.28 -5.39
CA LEU C 252 -17.57 8.39 -6.86
C LEU C 252 -18.21 9.72 -7.15
N TYR C 253 -17.49 10.57 -7.85
CA TYR C 253 -18.10 11.89 -8.10
C TYR C 253 -17.41 12.47 -9.26
N ALA C 254 -18.12 13.42 -9.90
CA ALA C 254 -17.50 14.18 -10.98
C ALA C 254 -16.65 15.34 -10.43
N VAL C 255 -15.47 15.52 -11.05
CA VAL C 255 -14.58 16.63 -10.58
C VAL C 255 -14.87 17.88 -11.44
N PHE C 256 -15.83 18.71 -11.05
CA PHE C 256 -16.29 19.79 -11.99
C PHE C 256 -15.27 20.92 -12.13
N THR C 257 -15.03 21.34 -13.35
CA THR C 257 -14.38 22.61 -13.50
C THR C 257 -15.34 23.79 -13.26
N LYS C 258 -14.80 25.02 -13.23
CA LYS C 258 -15.64 26.17 -13.14
C LYS C 258 -16.60 26.29 -14.37
N GLU C 259 -16.08 26.02 -15.60
CA GLU C 259 -16.91 26.02 -16.85
C GLU C 259 -18.05 25.01 -16.73
N GLU C 260 -17.74 23.86 -16.13
CA GLU C 260 -18.71 22.82 -15.87
C GLU C 260 -19.77 23.20 -14.84
N ILE C 261 -19.36 23.90 -13.81
CA ILE C 261 -20.34 24.49 -12.82
C ILE C 261 -21.32 25.45 -13.54
N ALA C 262 -20.79 26.41 -14.31
CA ALA C 262 -21.68 27.30 -15.02
C ALA C 262 -22.63 26.52 -15.93
N HIS C 263 -22.13 25.50 -16.67
CA HIS C 263 -23.04 24.77 -17.55
C HIS C 263 -24.12 23.99 -16.81
N TRP C 264 -23.68 23.23 -15.82
CA TRP C 264 -24.58 22.27 -15.17
C TRP C 264 -25.55 22.92 -14.19
N PHE C 265 -25.27 24.15 -13.71
CA PHE C 265 -26.09 24.72 -12.68
C PHE C 265 -26.77 26.04 -13.02
N LEU C 266 -26.24 26.84 -13.96
CA LEU C 266 -26.95 28.15 -14.13
C LEU C 266 -28.38 27.84 -14.68
N PRO C 267 -29.41 28.49 -14.13
CA PRO C 267 -30.71 28.02 -14.38
C PRO C 267 -31.21 28.25 -15.82
N ILE C 268 -31.94 27.26 -16.31
CA ILE C 268 -32.62 27.29 -17.64
C ILE C 268 -34.03 26.83 -17.35
N GLU C 269 -35.02 27.72 -17.55
CA GLU C 269 -36.40 27.42 -17.16
C GLU C 269 -36.88 26.07 -17.79
N ASN C 270 -37.59 25.26 -16.98
CA ASN C 270 -38.08 23.93 -17.42
C ASN C 270 -36.96 22.96 -17.76
N VAL C 271 -35.74 23.23 -17.33
CA VAL C 271 -34.66 22.26 -17.56
C VAL C 271 -33.87 22.08 -16.23
N ILE C 272 -33.25 23.15 -15.70
CA ILE C 272 -32.37 22.99 -14.57
C ILE C 272 -32.62 24.22 -13.64
N TYR C 273 -32.81 23.91 -12.36
CA TYR C 273 -33.16 24.94 -11.33
C TYR C 273 -32.09 24.85 -10.29
N THR C 274 -31.42 25.96 -9.98
CA THR C 274 -30.41 26.00 -8.91
C THR C 274 -30.66 27.25 -8.13
N TYR C 275 -30.70 27.07 -6.81
CA TYR C 275 -30.90 28.16 -5.85
C TYR C 275 -29.72 28.20 -4.89
N VAL C 276 -29.35 29.42 -4.44
CA VAL C 276 -28.20 29.55 -3.55
C VAL C 276 -28.61 30.48 -2.37
N ASN C 277 -27.94 30.30 -1.25
CA ASN C 277 -28.00 31.19 -0.06
C ASN C 277 -26.63 31.88 0.03
N GLU C 278 -26.63 33.19 -0.24
CA GLU C 278 -25.45 33.99 -0.21
C GLU C 278 -25.46 34.81 1.11
N GLU C 279 -24.44 34.60 1.91
CA GLU C 279 -24.31 35.20 3.27
CA GLU C 279 -24.36 35.40 3.12
C GLU C 279 -22.96 35.93 3.27
N ASN C 280 -23.06 37.22 3.55
N ASN C 280 -22.82 37.21 3.51
CA ASN C 280 -22.12 38.25 3.11
CA ASN C 280 -21.45 37.81 3.63
C ASN C 280 -22.11 38.32 1.59
C ASN C 280 -20.50 37.58 2.43
N GLY C 281 -21.01 37.71 1.19
CA GLY C 281 -20.41 37.56 -0.13
C GLY C 281 -20.11 36.12 -0.47
N LYS C 282 -20.47 35.19 0.42
CA LYS C 282 -20.16 33.76 0.21
C LYS C 282 -21.38 32.86 -0.08
N ILE C 283 -21.23 31.84 -0.96
CA ILE C 283 -22.32 30.89 -1.20
C ILE C 283 -22.21 29.78 -0.10
N LYS C 284 -23.19 29.71 0.82
CA LYS C 284 -23.20 28.78 1.93
C LYS C 284 -24.08 27.58 1.82
N ASP C 285 -25.05 27.60 0.88
CA ASP C 285 -26.00 26.53 0.75
C ASP C 285 -26.50 26.61 -0.71
N MET C 286 -26.88 25.43 -1.25
CA MET C 286 -27.34 25.36 -2.64
C MET C 286 -28.35 24.21 -2.72
N ILE C 287 -29.38 24.42 -3.57
CA ILE C 287 -30.34 23.40 -3.91
C ILE C 287 -30.34 23.34 -5.44
N SER C 288 -30.42 22.14 -5.99
CA SER C 288 -30.70 22.08 -7.46
C SER C 288 -31.55 20.81 -7.75
N PHE C 289 -32.36 20.91 -8.79
CA PHE C 289 -33.12 19.80 -9.31
C PHE C 289 -33.36 20.08 -10.79
N TYR C 290 -33.48 19.00 -11.56
CA TYR C 290 -33.79 19.16 -12.97
C TYR C 290 -35.22 18.69 -13.32
N SER C 291 -35.70 19.13 -14.48
CA SER C 291 -37.07 18.90 -14.88
C SER C 291 -37.12 17.77 -15.92
N LEU C 292 -37.82 16.69 -15.60
CA LEU C 292 -37.90 15.52 -16.51
C LEU C 292 -39.36 15.05 -16.43
N PRO C 293 -40.18 15.48 -17.43
CA PRO C 293 -41.55 15.02 -17.37
C PRO C 293 -41.60 13.57 -17.79
N SER C 294 -42.66 12.87 -17.42
CA SER C 294 -42.98 11.58 -18.10
C SER C 294 -44.35 11.72 -18.78
N GLN C 295 -44.42 11.20 -20.00
CA GLN C 295 -45.69 10.99 -20.65
C GLN C 295 -46.47 9.93 -19.85
N ILE C 296 -47.78 10.16 -19.60
CA ILE C 296 -48.61 9.15 -18.91
C ILE C 296 -49.30 8.33 -20.03
N LEU C 297 -49.12 7.01 -20.00
CA LEU C 297 -49.45 6.24 -21.24
C LEU C 297 -50.85 5.72 -21.12
N GLY C 298 -51.62 5.85 -22.20
CA GLY C 298 -52.96 5.21 -22.19
C GLY C 298 -53.89 5.85 -21.15
N ASN C 299 -53.66 7.12 -20.84
CA ASN C 299 -54.49 7.89 -19.85
C ASN C 299 -55.08 9.05 -20.62
N ASP C 300 -56.41 9.08 -20.71
CA ASP C 300 -57.11 10.12 -21.50
C ASP C 300 -57.49 11.38 -20.70
N LYS C 301 -57.25 11.35 -19.41
CA LYS C 301 -57.52 12.52 -18.54
C LYS C 301 -56.25 13.37 -18.29
N TYR C 302 -55.10 12.71 -18.09
CA TYR C 302 -53.78 13.44 -17.90
C TYR C 302 -52.81 12.94 -18.92
N SER C 303 -52.06 13.84 -19.54
CA SER C 303 -51.04 13.40 -20.49
CA SER C 303 -51.03 13.34 -20.46
C SER C 303 -49.59 13.42 -19.98
N THR C 304 -49.26 14.33 -19.07
CA THR C 304 -47.86 14.54 -18.67
C THR C 304 -47.75 14.61 -17.11
N LEU C 305 -46.80 13.90 -16.57
CA LEU C 305 -46.43 14.03 -15.16
C LEU C 305 -45.25 15.03 -15.09
N ASN C 306 -45.38 16.13 -14.39
CA ASN C 306 -44.26 17.10 -14.32
C ASN C 306 -43.46 16.80 -13.09
N ALA C 307 -42.21 16.40 -13.25
CA ALA C 307 -41.47 15.85 -12.10
C ALA C 307 -40.09 16.60 -11.98
N ALA C 308 -39.65 16.91 -10.76
CA ALA C 308 -38.37 17.47 -10.44
C ALA C 308 -37.55 16.36 -9.83
N TYR C 309 -36.28 16.27 -10.23
CA TYR C 309 -35.33 15.22 -9.76
C TYR C 309 -34.26 15.95 -9.05
N SER C 310 -34.07 15.56 -7.80
CA SER C 310 -32.99 16.10 -6.95
C SER C 310 -31.62 15.92 -7.66
N PHE C 311 -30.78 17.00 -7.64
CA PHE C 311 -29.50 16.95 -8.40
C PHE C 311 -28.40 17.05 -7.34
N TYR C 312 -27.93 18.24 -7.01
CA TYR C 312 -26.98 18.43 -5.94
C TYR C 312 -27.44 19.43 -4.92
N ASN C 313 -27.33 19.04 -3.66
CA ASN C 313 -27.81 19.86 -2.53
C ASN C 313 -26.75 19.86 -1.42
N VAL C 314 -26.41 21.07 -0.91
CA VAL C 314 -25.38 21.23 0.13
C VAL C 314 -25.84 22.33 1.06
N THR C 315 -25.75 22.06 2.37
CA THR C 315 -26.05 23.07 3.37
C THR C 315 -24.92 23.12 4.37
N THR C 316 -24.54 24.38 4.68
CA THR C 316 -23.56 24.66 5.75
C THR C 316 -24.21 25.52 6.85
N THR C 317 -25.41 26.07 6.61
CA THR C 317 -26.06 26.93 7.59
C THR C 317 -27.36 26.34 8.18
N ALA C 318 -27.76 25.18 7.70
CA ALA C 318 -29.05 24.62 8.11
C ALA C 318 -28.85 23.10 8.27
N THR C 319 -29.89 22.39 8.68
CA THR C 319 -29.84 20.90 8.65
C THR C 319 -30.09 20.45 7.22
N PHE C 320 -29.62 19.27 6.89
CA PHE C 320 -30.01 18.73 5.55
C PHE C 320 -31.51 18.56 5.38
N LYS C 321 -32.18 18.12 6.47
CA LYS C 321 -33.61 18.08 6.47
C LYS C 321 -34.28 19.42 6.08
N GLN C 322 -33.87 20.52 6.71
CA GLN C 322 -34.39 21.84 6.36
C GLN C 322 -34.13 22.19 4.91
N LEU C 323 -32.92 21.92 4.48
CA LEU C 323 -32.51 22.22 3.07
C LEU C 323 -33.40 21.43 2.05
N MET C 324 -33.58 20.14 2.26
CA MET C 324 -34.45 19.37 1.30
C MET C 324 -35.90 19.70 1.47
N GLN C 325 -36.31 20.11 2.71
CA GLN C 325 -37.63 20.70 2.83
C GLN C 325 -37.88 21.94 1.94
N ASP C 326 -36.88 22.83 1.89
CA ASP C 326 -36.91 23.97 0.97
C ASP C 326 -36.85 23.55 -0.51
N ALA C 327 -36.09 22.50 -0.82
CA ALA C 327 -36.04 21.95 -2.22
C ALA C 327 -37.42 21.50 -2.66
N ILE C 328 -38.12 20.80 -1.74
CA ILE C 328 -39.54 20.40 -2.05
C ILE C 328 -40.44 21.63 -2.26
N LEU C 329 -40.33 22.70 -1.43
CA LEU C 329 -41.21 23.83 -1.54
C LEU C 329 -40.85 24.58 -2.87
N LEU C 330 -39.56 24.65 -3.17
CA LEU C 330 -39.11 25.33 -4.43
C LEU C 330 -39.70 24.55 -5.63
N ALA C 331 -39.68 23.22 -5.55
CA ALA C 331 -40.33 22.43 -6.63
C ALA C 331 -41.83 22.67 -6.69
N LYS C 332 -42.48 22.74 -5.53
CA LYS C 332 -43.92 23.00 -5.53
C LYS C 332 -44.18 24.40 -6.13
N ARG C 333 -43.36 25.40 -5.77
CA ARG C 333 -43.57 26.75 -6.30
C ARG C 333 -43.45 26.82 -7.80
N ASN C 334 -42.68 25.88 -8.36
CA ASN C 334 -42.43 25.79 -9.82
C ASN C 334 -43.34 24.78 -10.52
N ASN C 335 -44.40 24.38 -9.82
CA ASN C 335 -45.56 23.64 -10.34
CA ASN C 335 -45.49 23.75 -10.55
C ASN C 335 -45.22 22.23 -10.75
N PHE C 336 -44.19 21.68 -10.09
CA PHE C 336 -43.96 20.19 -10.20
C PHE C 336 -44.99 19.34 -9.50
N ASP C 337 -45.32 18.18 -10.08
CA ASP C 337 -46.23 17.26 -9.40
C ASP C 337 -45.64 16.41 -8.32
N VAL C 338 -44.32 16.18 -8.39
CA VAL C 338 -43.67 15.12 -7.58
C VAL C 338 -42.19 15.53 -7.52
N PHE C 339 -41.47 15.11 -6.49
CA PHE C 339 -40.07 15.43 -6.34
C PHE C 339 -39.37 14.10 -6.08
N ASN C 340 -38.38 13.77 -6.91
CA ASN C 340 -37.81 12.47 -6.97
C ASN C 340 -36.37 12.43 -6.54
N ALA C 341 -35.98 11.54 -5.64
CA ALA C 341 -34.59 11.53 -5.21
C ALA C 341 -34.06 10.05 -5.09
N LEU C 342 -32.77 9.89 -5.22
CA LEU C 342 -32.12 8.63 -5.00
C LEU C 342 -31.53 8.56 -3.63
N GLU C 343 -31.25 7.36 -3.09
CA GLU C 343 -30.52 7.21 -1.76
C GLU C 343 -29.02 7.43 -1.86
N VAL C 344 -28.63 8.48 -2.55
CA VAL C 344 -27.22 8.83 -2.70
C VAL C 344 -26.88 10.01 -1.77
N MET C 345 -25.59 10.33 -1.61
CA MET C 345 -25.11 11.45 -0.74
C MET C 345 -25.84 11.40 0.64
N GLN C 346 -26.46 12.48 1.12
CA GLN C 346 -27.16 12.51 2.44
C GLN C 346 -28.64 12.25 2.33
N ASN C 347 -29.11 11.93 1.10
CA ASN C 347 -30.55 11.85 0.89
C ASN C 347 -31.30 10.88 1.77
N LYS C 348 -30.72 9.68 1.95
CA LYS C 348 -31.56 8.68 2.68
C LYS C 348 -32.03 9.17 4.08
N SER C 349 -31.19 9.93 4.75
CA SER C 349 -31.44 10.47 6.12
C SER C 349 -32.67 11.37 6.21
N VAL C 350 -33.26 11.85 5.11
CA VAL C 350 -34.39 12.80 5.21
C VAL C 350 -35.68 12.18 4.75
N PHE C 351 -35.61 10.93 4.19
CA PHE C 351 -36.75 10.44 3.46
C PHE C 351 -37.97 10.21 4.37
N GLU C 352 -37.70 9.63 5.53
CA GLU C 352 -38.77 9.31 6.47
CA GLU C 352 -38.76 9.31 6.47
C GLU C 352 -39.46 10.61 6.92
N ASP C 353 -38.70 11.58 7.50
CA ASP C 353 -39.29 12.85 7.98
C ASP C 353 -39.89 13.72 6.92
N LEU C 354 -39.38 13.68 5.69
CA LEU C 354 -40.01 14.47 4.65
C LEU C 354 -41.07 13.72 3.82
N LYS C 355 -41.52 12.55 4.33
CA LYS C 355 -42.64 11.86 3.75
C LYS C 355 -42.34 11.37 2.33
N PHE C 356 -41.11 10.95 2.04
CA PHE C 356 -40.86 10.30 0.76
C PHE C 356 -41.32 8.81 0.81
N GLY C 357 -42.00 8.35 -0.22
CA GLY C 357 -42.37 6.88 -0.39
C GLY C 357 -41.29 6.17 -1.14
N GLU C 358 -40.88 4.96 -0.71
CA GLU C 358 -39.89 4.12 -1.46
C GLU C 358 -40.48 3.76 -2.80
N GLY C 359 -39.74 3.91 -3.91
CA GLY C 359 -40.27 3.53 -5.23
C GLY C 359 -40.21 2.02 -5.53
N ASP C 360 -40.34 1.68 -6.80
CA ASP C 360 -40.49 0.27 -7.21
CA ASP C 360 -40.48 0.32 -7.44
C ASP C 360 -39.15 -0.44 -7.52
N GLY C 361 -38.07 0.31 -7.61
CA GLY C 361 -36.83 -0.26 -7.99
C GLY C 361 -35.66 0.66 -7.77
N SER C 362 -34.59 0.40 -8.48
CA SER C 362 -33.34 1.09 -8.22
C SER C 362 -32.60 1.41 -9.52
N LEU C 363 -31.66 2.37 -9.39
CA LEU C 363 -30.78 2.79 -10.54
C LEU C 363 -29.44 2.22 -10.12
N LYS C 364 -28.87 1.43 -11.04
CA LYS C 364 -27.56 0.86 -10.87
C LYS C 364 -26.48 1.80 -11.51
N TYR C 365 -25.38 1.90 -10.83
CA TYR C 365 -24.24 2.68 -11.33
C TYR C 365 -23.18 1.71 -11.79
N TYR C 366 -22.66 2.00 -13.01
CA TYR C 366 -21.68 1.18 -13.68
C TYR C 366 -20.44 1.91 -14.12
N LEU C 367 -19.30 1.21 -14.08
CA LEU C 367 -18.12 1.71 -14.81
C LEU C 367 -17.76 0.73 -15.89
N TYR C 368 -17.17 1.24 -16.96
CA TYR C 368 -16.61 0.43 -18.01
C TYR C 368 -15.12 0.40 -17.93
N ASN C 369 -14.55 -0.78 -18.07
CA ASN C 369 -13.08 -0.94 -17.98
C ASN C 369 -12.45 -0.41 -16.67
N TRP C 370 -13.15 -0.72 -15.56
CA TRP C 370 -12.64 -0.38 -14.23
C TRP C 370 -13.04 -1.43 -13.20
N LYS C 371 -12.02 -1.89 -12.45
CA LYS C 371 -12.20 -2.89 -11.40
C LYS C 371 -11.99 -2.13 -10.05
N CYS C 372 -12.96 -2.22 -9.17
CA CYS C 372 -12.83 -1.65 -7.79
C CYS C 372 -13.91 -2.33 -6.92
N ALA C 373 -13.81 -2.14 -5.62
CA ALA C 373 -14.86 -2.58 -4.71
C ALA C 373 -16.12 -1.79 -4.94
N SER C 374 -17.23 -2.50 -4.85
CA SER C 374 -18.53 -1.84 -4.79
C SER C 374 -18.75 -1.14 -3.44
N PHE C 375 -19.80 -0.33 -3.37
CA PHE C 375 -20.00 0.47 -2.13
C PHE C 375 -21.47 0.81 -2.02
N ALA C 376 -21.90 1.08 -0.76
CA ALA C 376 -23.25 1.48 -0.45
C ALA C 376 -23.53 2.88 -1.16
N PRO C 377 -24.81 3.15 -1.54
CA PRO C 377 -25.15 4.38 -2.35
C PRO C 377 -24.95 5.71 -1.59
N ALA C 378 -24.87 5.66 -0.25
CA ALA C 378 -24.51 6.89 0.55
C ALA C 378 -23.12 7.35 0.16
N HIS C 379 -22.31 6.46 -0.42
CA HIS C 379 -20.95 6.81 -0.89
C HIS C 379 -20.90 7.30 -2.38
N VAL C 380 -22.04 7.29 -3.04
CA VAL C 380 -22.19 7.86 -4.41
C VAL C 380 -22.43 9.38 -4.32
N GLY C 381 -21.62 10.15 -5.07
CA GLY C 381 -21.68 11.60 -5.11
C GLY C 381 -21.87 12.11 -6.52
N ILE C 382 -22.59 11.34 -7.33
CA ILE C 382 -22.93 11.82 -8.74
C ILE C 382 -24.34 11.44 -9.10
N VAL C 383 -25.04 12.33 -9.84
CA VAL C 383 -26.34 12.01 -10.33
C VAL C 383 -26.26 12.15 -11.84
N LEU C 384 -26.65 11.11 -12.61
CA LEU C 384 -26.66 11.29 -14.08
C LEU C 384 -28.05 11.61 -14.55
N LEU C 385 -28.18 12.34 -15.67
CA LEU C 385 -29.51 12.82 -16.07
C LEU C 385 -30.50 11.71 -16.56
#